data_3NT2
#
_entry.id   3NT2
#
_cell.length_a   184.368
_cell.length_b   184.368
_cell.length_c   184.368
_cell.angle_alpha   90.000
_cell.angle_beta   90.000
_cell.angle_gamma   90.000
#
_symmetry.space_group_name_H-M   'I 21 3'
#
loop_
_entity.id
_entity.type
_entity.pdbx_description
1 polymer 'Inositol 2-dehydrogenase/D-chiro-inositol 3-dehydrogenase'
2 non-polymer NICOTINAMIDE-ADENINE-DINUCLEOTIDE
3 non-polymer '1,4-DIHYDRONICOTINAMIDE ADENINE DINUCLEOTIDE'
4 water water
#
_entity_poly.entity_id   1
_entity_poly.type   'polypeptide(L)'
_entity_poly.pdbx_seq_one_letter_code
;MSLRIGVIGTGAIGKEHINRITNKLSGAEIVAVTDVNQEAAQKVVEQYQLNATVYPNDDSLLADENVDAVLVTSWGPAHE
SSVLKAIKAQKYVFCEKPLATTAEGCMRIVEEEIKVGKRLVQVGFMRRYDSGYVQLKEALDNHVIGEPLMIHCAHRNPTV
GDNYTTDMAVVDTLVHEIDVLHWLVNDDYESVQVIYPKKSKNALPHLKDPQIVVIETKGGIVINAEIYVNCKYGYDIQCE
IVGEDGIIKLPEPSSISLRKEGRFSTDILMDWQRRFVAAYDVEIQDFIDSIQKKGEVSGPTAWDGYIAAVTTDACVKAQE
SGQKEKVELKEKPEFYQSFTTVQN
;
_entity_poly.pdbx_strand_id   A,B
#
loop_
_chem_comp.id
_chem_comp.type
_chem_comp.name
_chem_comp.formula
NAD non-polymer NICOTINAMIDE-ADENINE-DINUCLEOTIDE 'C21 H27 N7 O14 P2'
NAI non-polymer '1,4-DIHYDRONICOTINAMIDE ADENINE DINUCLEOTIDE' 'C21 H29 N7 O14 P2'
#
# COMPACT_ATOMS: atom_id res chain seq x y z
N MET A 1 20.38 -44.18 7.50
CA MET A 1 20.81 -44.25 6.10
C MET A 1 20.25 -43.06 5.29
N SER A 2 21.17 -42.29 4.69
CA SER A 2 20.83 -41.00 4.11
C SER A 2 20.16 -41.05 2.73
N LEU A 3 19.36 -40.03 2.45
CA LEU A 3 18.80 -39.82 1.12
C LEU A 3 19.93 -39.48 0.16
N ARG A 4 19.94 -40.12 -0.99
CA ARG A 4 21.03 -39.92 -1.93
C ARG A 4 20.62 -39.06 -3.13
N ILE A 5 21.30 -37.93 -3.27
CA ILE A 5 20.79 -36.85 -4.11
C ILE A 5 21.66 -36.53 -5.32
N GLY A 6 21.01 -36.50 -6.48
CA GLY A 6 21.66 -36.08 -7.71
C GLY A 6 21.26 -34.67 -8.06
N VAL A 7 22.25 -33.84 -8.40
CA VAL A 7 22.01 -32.45 -8.74
C VAL A 7 22.18 -32.14 -10.23
N ILE A 8 21.10 -31.70 -10.86
CA ILE A 8 21.13 -31.33 -12.28
C ILE A 8 21.28 -29.82 -12.44
N GLY A 9 22.51 -29.36 -12.64
CA GLY A 9 22.79 -27.94 -12.75
C GLY A 9 23.62 -27.50 -11.57
N THR A 10 24.90 -27.24 -11.81
CA THR A 10 25.80 -26.91 -10.70
C THR A 10 26.30 -25.48 -10.79
N GLY A 11 25.38 -24.55 -10.93
CA GLY A 11 25.70 -23.13 -10.93
C GLY A 11 25.67 -22.53 -9.53
N ALA A 12 25.48 -21.22 -9.45
CA ALA A 12 25.50 -20.52 -8.18
C ALA A 12 24.48 -21.07 -7.18
N ILE A 13 23.30 -21.44 -7.64
CA ILE A 13 22.26 -21.91 -6.72
C ILE A 13 22.40 -23.41 -6.41
N GLY A 14 22.76 -24.19 -7.43
CA GLY A 14 22.99 -25.61 -7.23
C GLY A 14 24.14 -25.81 -6.26
N LYS A 15 25.13 -24.94 -6.35
CA LYS A 15 26.29 -25.01 -5.46
C LYS A 15 25.90 -24.70 -4.02
N GLU A 16 24.97 -23.75 -3.86
CA GLU A 16 24.47 -23.39 -2.54
C GLU A 16 23.61 -24.50 -1.93
N HIS A 17 22.82 -25.17 -2.74
CA HIS A 17 22.04 -26.30 -2.26
C HIS A 17 22.95 -27.47 -1.91
N ILE A 18 24.06 -27.59 -2.64
CA ILE A 18 25.03 -28.64 -2.38
C ILE A 18 25.79 -28.38 -1.09
N ASN A 19 26.10 -27.11 -0.84
CA ASN A 19 26.80 -26.74 0.38
C ASN A 19 25.96 -26.97 1.64
N ARG A 20 24.65 -26.73 1.55
CA ARG A 20 23.81 -26.88 2.72
C ARG A 20 23.52 -28.34 3.00
N ILE A 21 23.23 -29.11 1.95
CA ILE A 21 23.03 -30.54 2.08
C ILE A 21 24.29 -31.22 2.61
N THR A 22 25.45 -30.64 2.34
CA THR A 22 26.72 -31.27 2.69
C THR A 22 27.27 -30.84 4.03
N ASN A 23 26.98 -29.61 4.45
CA ASN A 23 27.63 -29.04 5.63
C ASN A 23 26.72 -28.39 6.66
N LYS A 24 25.41 -28.43 6.43
CA LYS A 24 24.50 -27.74 7.32
C LYS A 24 23.33 -28.62 7.71
N LEU A 25 22.71 -29.26 6.72
CA LEU A 25 21.52 -30.05 6.96
C LEU A 25 21.87 -31.49 7.34
N SER A 26 20.84 -32.32 7.45
CA SER A 26 21.01 -33.68 7.97
C SER A 26 20.14 -34.66 7.19
N GLY A 27 20.70 -35.84 6.92
CA GLY A 27 19.92 -36.94 6.36
C GLY A 27 20.04 -37.15 4.86
N ALA A 28 21.03 -36.53 4.23
CA ALA A 28 21.20 -36.67 2.78
C ALA A 28 22.63 -36.40 2.36
N GLU A 29 22.98 -36.86 1.16
CA GLU A 29 24.28 -36.58 0.56
C GLU A 29 24.19 -36.53 -0.95
N ILE A 30 25.14 -35.85 -1.58
CA ILE A 30 25.19 -35.76 -3.03
C ILE A 30 26.01 -36.89 -3.62
N VAL A 31 25.38 -37.71 -4.45
CA VAL A 31 26.05 -38.89 -5.03
C VAL A 31 26.23 -38.74 -6.54
N ALA A 32 25.50 -37.81 -7.14
CA ALA A 32 25.55 -37.61 -8.59
C ALA A 32 25.34 -36.15 -8.96
N VAL A 33 26.07 -35.69 -9.98
CA VAL A 33 25.91 -34.34 -10.50
C VAL A 33 26.01 -34.33 -12.03
N THR A 34 25.35 -33.37 -12.66
CA THR A 34 25.51 -33.15 -14.10
C THR A 34 25.33 -31.67 -14.41
N ASP A 35 26.12 -31.16 -15.35
CA ASP A 35 25.99 -29.77 -15.76
C ASP A 35 26.30 -29.59 -17.24
N VAL A 36 25.51 -28.75 -17.89
CA VAL A 36 25.79 -28.31 -19.26
C VAL A 36 27.28 -28.08 -19.47
N ASN A 37 27.92 -27.45 -18.50
CA ASN A 37 29.37 -27.27 -18.51
C ASN A 37 30.04 -28.36 -17.67
N GLN A 38 30.23 -29.53 -18.26
CA GLN A 38 30.72 -30.70 -17.54
C GLN A 38 31.99 -30.44 -16.71
N GLU A 39 32.84 -29.53 -17.18
CA GLU A 39 34.03 -29.15 -16.42
C GLU A 39 33.64 -28.49 -15.09
N ALA A 40 32.69 -27.57 -15.16
CA ALA A 40 32.24 -26.84 -13.96
C ALA A 40 31.76 -27.79 -12.87
N ALA A 41 31.08 -28.86 -13.28
CA ALA A 41 30.57 -29.86 -12.34
C ALA A 41 31.70 -30.62 -11.67
N GLN A 42 32.74 -30.94 -12.44
CA GLN A 42 33.88 -31.67 -11.91
C GLN A 42 34.55 -30.83 -10.83
N LYS A 43 34.67 -29.53 -11.08
CA LYS A 43 35.24 -28.60 -10.10
C LYS A 43 34.41 -28.57 -8.82
N VAL A 44 33.08 -28.64 -8.96
CA VAL A 44 32.19 -28.64 -7.81
C VAL A 44 32.47 -29.84 -6.91
N VAL A 45 32.45 -31.03 -7.51
CA VAL A 45 32.72 -32.27 -6.80
C VAL A 45 34.03 -32.21 -6.01
N GLU A 46 35.02 -31.52 -6.55
CA GLU A 46 36.30 -31.37 -5.87
C GLU A 46 36.22 -30.28 -4.80
N GLN A 47 35.56 -29.18 -5.13
CA GLN A 47 35.40 -28.07 -4.20
C GLN A 47 34.78 -28.55 -2.88
N TYR A 48 33.70 -29.32 -2.98
CA TYR A 48 32.97 -29.76 -1.78
C TYR A 48 33.30 -31.19 -1.37
N GLN A 49 34.43 -31.71 -1.84
CA GLN A 49 34.86 -33.06 -1.46
C GLN A 49 33.76 -34.11 -1.52
N LEU A 50 32.97 -34.12 -2.59
CA LEU A 50 31.82 -35.02 -2.66
C LEU A 50 32.21 -36.44 -3.07
N ASN A 51 31.38 -37.41 -2.70
CA ASN A 51 31.48 -38.77 -3.23
C ASN A 51 30.49 -38.95 -4.36
N ALA A 52 30.69 -38.23 -5.46
CA ALA A 52 29.68 -38.20 -6.51
C ALA A 52 30.17 -38.58 -7.91
N THR A 53 29.30 -39.29 -8.62
CA THR A 53 29.48 -39.58 -10.04
C THR A 53 29.17 -38.33 -10.85
N VAL A 54 30.10 -37.95 -11.73
CA VAL A 54 29.84 -36.86 -12.68
C VAL A 54 29.32 -37.42 -14.00
N TYR A 55 28.06 -37.14 -14.32
CA TYR A 55 27.46 -37.62 -15.57
C TYR A 55 27.54 -36.60 -16.69
N PRO A 56 27.34 -37.06 -17.94
CA PRO A 56 27.37 -36.20 -19.12
C PRO A 56 26.06 -35.45 -19.27
N ASN A 57 24.96 -36.09 -18.90
CA ASN A 57 23.65 -35.45 -18.97
C ASN A 57 22.66 -36.00 -17.94
N ASP A 58 21.41 -35.55 -18.02
CA ASP A 58 20.42 -35.87 -17.01
C ASP A 58 19.82 -37.27 -17.12
N ASP A 59 19.74 -37.82 -18.33
CA ASP A 59 19.23 -39.17 -18.52
C ASP A 59 20.16 -40.18 -17.87
N SER A 60 21.46 -39.95 -18.03
CA SER A 60 22.48 -40.80 -17.44
C SER A 60 22.31 -40.82 -15.93
N LEU A 61 22.22 -39.63 -15.36
CA LEU A 61 22.11 -39.46 -13.91
C LEU A 61 20.82 -40.09 -13.38
N LEU A 62 19.72 -39.89 -14.09
CA LEU A 62 18.44 -40.48 -13.69
C LEU A 62 18.46 -42.00 -13.88
N ALA A 63 19.25 -42.46 -14.84
CA ALA A 63 19.40 -43.89 -15.09
C ALA A 63 20.03 -44.59 -13.89
N ASP A 64 20.97 -43.88 -13.24
CA ASP A 64 21.62 -44.39 -12.04
C ASP A 64 20.61 -44.71 -10.95
N GLU A 65 20.49 -45.99 -10.61
CA GLU A 65 19.48 -46.43 -9.65
C GLU A 65 19.86 -46.13 -8.20
N ASN A 66 21.12 -45.82 -7.95
CA ASN A 66 21.56 -45.54 -6.59
C ASN A 66 21.11 -44.15 -6.12
N VAL A 67 20.69 -43.31 -7.05
CA VAL A 67 20.16 -41.99 -6.70
C VAL A 67 18.64 -42.06 -6.54
N ASP A 68 18.13 -41.44 -5.48
CA ASP A 68 16.71 -41.52 -5.19
C ASP A 68 15.98 -40.17 -5.26
N ALA A 69 16.76 -39.09 -5.38
CA ALA A 69 16.18 -37.75 -5.46
C ALA A 69 17.10 -36.77 -6.20
N VAL A 70 16.49 -35.86 -6.96
CA VAL A 70 17.25 -34.87 -7.73
C VAL A 70 16.87 -33.41 -7.43
N LEU A 71 17.89 -32.55 -7.47
CA LEU A 71 17.71 -31.11 -7.40
C LEU A 71 17.86 -30.49 -8.80
N VAL A 72 16.76 -30.00 -9.36
CA VAL A 72 16.81 -29.34 -10.66
C VAL A 72 17.13 -27.85 -10.54
N THR A 73 18.38 -27.51 -10.79
CA THR A 73 18.86 -26.15 -10.58
C THR A 73 19.64 -25.63 -11.78
N SER A 74 19.16 -25.93 -12.97
CA SER A 74 19.84 -25.54 -14.19
C SER A 74 19.32 -24.20 -14.70
N TRP A 75 19.80 -23.78 -15.86
CA TRP A 75 19.27 -22.62 -16.55
C TRP A 75 17.74 -22.75 -16.59
N GLY A 76 17.04 -21.67 -16.25
CA GLY A 76 15.59 -21.67 -16.13
C GLY A 76 14.81 -22.44 -17.19
N PRO A 77 15.02 -22.11 -18.48
CA PRO A 77 14.32 -22.76 -19.58
C PRO A 77 14.64 -24.25 -19.70
N ALA A 78 15.66 -24.70 -19.00
CA ALA A 78 16.08 -26.10 -19.05
C ALA A 78 15.34 -26.99 -18.06
N HIS A 79 14.61 -26.38 -17.13
CA HIS A 79 13.98 -27.13 -16.04
C HIS A 79 12.93 -28.15 -16.51
N GLU A 80 12.00 -27.72 -17.35
CA GLU A 80 10.90 -28.57 -17.77
C GLU A 80 11.33 -29.98 -18.19
N SER A 81 12.45 -30.06 -18.91
CA SER A 81 12.94 -31.34 -19.42
C SER A 81 13.31 -32.30 -18.28
N SER A 82 14.28 -31.90 -17.47
CA SER A 82 14.76 -32.72 -16.37
C SER A 82 13.63 -33.15 -15.44
N VAL A 83 12.72 -32.23 -15.12
CA VAL A 83 11.58 -32.54 -14.28
C VAL A 83 10.74 -33.68 -14.88
N LEU A 84 10.44 -33.57 -16.17
CA LEU A 84 9.67 -34.59 -16.88
C LEU A 84 10.37 -35.94 -16.85
N LYS A 85 11.67 -35.93 -17.10
CA LYS A 85 12.48 -37.13 -17.11
C LYS A 85 12.46 -37.79 -15.73
N ALA A 86 12.74 -37.00 -14.70
CA ALA A 86 12.82 -37.52 -13.34
C ALA A 86 11.49 -38.11 -12.87
N ILE A 87 10.39 -37.60 -13.40
CA ILE A 87 9.07 -38.10 -13.04
C ILE A 87 8.83 -39.48 -13.66
N LYS A 88 9.11 -39.60 -14.95
CA LYS A 88 9.00 -40.87 -15.65
C LYS A 88 10.05 -41.86 -15.13
N ALA A 89 11.17 -41.32 -14.67
CA ALA A 89 12.20 -42.13 -14.02
C ALA A 89 11.78 -42.42 -12.58
N GLN A 90 10.71 -41.76 -12.16
CA GLN A 90 10.13 -41.97 -10.83
C GLN A 90 11.10 -41.68 -9.68
N LYS A 91 11.83 -40.57 -9.80
CA LYS A 91 12.69 -40.10 -8.72
C LYS A 91 12.02 -38.92 -8.03
N TYR A 92 12.48 -38.60 -6.82
CA TYR A 92 12.00 -37.40 -6.14
C TYR A 92 12.70 -36.17 -6.72
N VAL A 93 11.92 -35.13 -6.99
CA VAL A 93 12.48 -33.93 -7.61
C VAL A 93 12.18 -32.62 -6.86
N PHE A 94 13.23 -31.90 -6.50
CA PHE A 94 13.09 -30.54 -6.00
C PHE A 94 13.50 -29.58 -7.10
N CYS A 95 12.52 -28.90 -7.69
CA CYS A 95 12.80 -28.00 -8.80
C CYS A 95 12.78 -26.53 -8.39
N GLU A 96 13.91 -25.85 -8.55
CA GLU A 96 13.97 -24.40 -8.38
C GLU A 96 13.09 -23.71 -9.41
N LYS A 97 12.55 -22.55 -9.06
CA LYS A 97 11.68 -21.82 -9.99
C LYS A 97 12.48 -21.34 -11.19
N PRO A 98 11.83 -21.32 -12.38
CA PRO A 98 10.44 -21.74 -12.57
C PRO A 98 10.33 -23.25 -12.76
N LEU A 99 9.13 -23.80 -12.54
CA LEU A 99 8.88 -25.19 -12.85
C LEU A 99 8.99 -25.38 -14.36
N ALA A 100 8.50 -24.39 -15.09
CA ALA A 100 8.59 -24.35 -16.55
C ALA A 100 8.29 -22.92 -17.03
N THR A 101 8.84 -22.55 -18.19
CA THR A 101 8.69 -21.20 -18.68
C THR A 101 7.35 -20.93 -19.37
N THR A 102 6.48 -21.93 -19.40
CA THR A 102 5.17 -21.79 -20.01
C THR A 102 4.11 -22.53 -19.20
N ALA A 103 2.86 -22.08 -19.30
CA ALA A 103 1.77 -22.75 -18.60
C ALA A 103 1.61 -24.18 -19.10
N GLU A 104 1.89 -24.37 -20.39
CA GLU A 104 1.82 -25.70 -21.02
C GLU A 104 2.81 -26.66 -20.38
N GLY A 105 4.06 -26.23 -20.30
CA GLY A 105 5.12 -27.04 -19.72
C GLY A 105 4.80 -27.49 -18.30
N CYS A 106 4.07 -26.65 -17.58
CA CYS A 106 3.62 -27.01 -16.24
C CYS A 106 2.51 -28.06 -16.31
N MET A 107 1.57 -27.85 -17.24
CA MET A 107 0.49 -28.82 -17.42
C MET A 107 1.01 -30.22 -17.75
N ARG A 108 2.03 -30.30 -18.59
CA ARG A 108 2.64 -31.59 -18.92
C ARG A 108 3.16 -32.25 -17.66
N ILE A 109 3.85 -31.48 -16.82
CA ILE A 109 4.42 -31.98 -15.59
C ILE A 109 3.35 -32.40 -14.59
N VAL A 110 2.26 -31.64 -14.54
CA VAL A 110 1.12 -31.99 -13.69
C VAL A 110 0.51 -33.31 -14.14
N GLU A 111 0.22 -33.39 -15.43
CA GLU A 111 -0.39 -34.58 -16.02
C GLU A 111 0.48 -35.81 -15.81
N GLU A 112 1.79 -35.64 -15.96
CA GLU A 112 2.73 -36.74 -15.74
C GLU A 112 2.76 -37.21 -14.28
N GLU A 113 2.77 -36.25 -13.35
CA GLU A 113 2.84 -36.59 -11.93
C GLU A 113 1.60 -37.35 -11.48
N ILE A 114 0.45 -36.95 -12.02
CA ILE A 114 -0.81 -37.60 -11.65
C ILE A 114 -0.82 -39.07 -12.05
N LYS A 115 -0.09 -39.40 -13.12
CA LYS A 115 0.07 -40.78 -13.53
C LYS A 115 0.86 -41.57 -12.50
N VAL A 116 2.10 -41.15 -12.28
CA VAL A 116 2.99 -41.82 -11.34
C VAL A 116 2.33 -42.06 -9.98
N GLY A 117 1.24 -41.36 -9.71
CA GLY A 117 0.38 -41.69 -8.59
C GLY A 117 0.69 -41.07 -7.25
N LYS A 118 1.80 -40.34 -7.15
CA LYS A 118 2.12 -39.65 -5.89
C LYS A 118 2.97 -38.41 -6.08
N ARG A 119 3.10 -37.62 -5.01
CA ARG A 119 3.86 -36.38 -5.05
C ARG A 119 5.36 -36.63 -5.15
N LEU A 120 5.93 -36.31 -6.31
CA LEU A 120 7.36 -36.44 -6.53
C LEU A 120 8.00 -35.06 -6.66
N VAL A 121 7.19 -34.09 -7.10
CA VAL A 121 7.68 -32.74 -7.37
C VAL A 121 7.42 -31.72 -6.24
N GLN A 122 8.50 -31.11 -5.76
CA GLN A 122 8.39 -29.96 -4.86
C GLN A 122 9.04 -28.74 -5.51
N VAL A 123 8.27 -27.67 -5.67
CA VAL A 123 8.81 -26.45 -6.28
C VAL A 123 9.47 -25.56 -5.23
N GLY A 124 10.56 -24.90 -5.62
CA GLY A 124 11.37 -24.12 -4.70
C GLY A 124 10.88 -22.73 -4.33
N PHE A 125 9.59 -22.62 -3.98
CA PHE A 125 9.07 -21.36 -3.44
C PHE A 125 9.35 -21.30 -1.93
N MET A 126 10.51 -20.77 -1.57
CA MET A 126 11.01 -20.88 -0.19
C MET A 126 10.32 -19.98 0.83
N ARG A 127 9.63 -18.95 0.37
CA ARG A 127 8.98 -18.01 1.27
C ARG A 127 8.00 -18.68 2.23
N ARG A 128 7.38 -19.78 1.78
CA ARG A 128 6.44 -20.51 2.63
C ARG A 128 7.11 -21.03 3.89
N TYR A 129 8.43 -21.07 3.88
CA TYR A 129 9.19 -21.61 5.01
C TYR A 129 9.79 -20.50 5.88
N ASP A 130 9.60 -19.26 5.48
CA ASP A 130 10.13 -18.14 6.25
C ASP A 130 9.30 -17.99 7.52
N SER A 131 9.97 -17.79 8.65
CA SER A 131 9.30 -17.73 9.95
C SER A 131 8.26 -16.61 10.02
N GLY A 132 8.53 -15.50 9.33
CA GLY A 132 7.57 -14.42 9.24
C GLY A 132 6.29 -14.83 8.53
N TYR A 133 6.44 -15.37 7.33
CA TYR A 133 5.28 -15.81 6.54
C TYR A 133 4.55 -16.95 7.22
N VAL A 134 5.29 -17.77 7.95
CA VAL A 134 4.69 -18.84 8.71
C VAL A 134 3.77 -18.28 9.79
N GLN A 135 4.23 -17.22 10.46
CA GLN A 135 3.42 -16.52 11.47
C GLN A 135 2.17 -15.88 10.87
N LEU A 136 2.31 -15.22 9.73
CA LEU A 136 1.15 -14.67 9.04
C LEU A 136 0.15 -15.77 8.76
N LYS A 137 0.66 -16.91 8.30
CA LYS A 137 -0.17 -18.06 7.96
C LYS A 137 -0.95 -18.55 9.17
N GLU A 138 -0.25 -18.77 10.28
CA GLU A 138 -0.89 -19.22 11.52
C GLU A 138 -1.98 -18.27 11.99
N ALA A 139 -1.73 -16.96 11.86
CA ALA A 139 -2.69 -15.95 12.30
C ALA A 139 -3.96 -16.00 11.46
N LEU A 140 -3.80 -16.05 10.14
CA LEU A 140 -4.95 -16.16 9.25
C LEU A 140 -5.71 -17.46 9.51
N ASP A 141 -4.95 -18.55 9.70
CA ASP A 141 -5.56 -19.85 9.94
C ASP A 141 -6.38 -19.88 11.23
N ASN A 142 -5.99 -19.04 12.19
CA ASN A 142 -6.70 -18.93 13.46
C ASN A 142 -7.80 -17.87 13.48
N HIS A 143 -8.05 -17.27 12.30
CA HIS A 143 -9.10 -16.27 12.13
C HIS A 143 -8.89 -14.99 12.95
N VAL A 144 -7.64 -14.66 13.22
CA VAL A 144 -7.32 -13.52 14.10
C VAL A 144 -7.87 -12.19 13.59
N ILE A 145 -7.88 -11.98 12.28
CA ILE A 145 -8.31 -10.71 11.71
C ILE A 145 -9.58 -10.84 10.89
N GLY A 146 -10.27 -11.96 11.03
CA GLY A 146 -11.43 -12.25 10.19
C GLY A 146 -11.06 -12.37 8.73
N GLU A 147 -12.02 -12.18 7.85
CA GLU A 147 -11.78 -12.33 6.42
C GLU A 147 -10.77 -11.31 5.90
N PRO A 148 -9.73 -11.80 5.21
CA PRO A 148 -8.82 -10.91 4.50
C PRO A 148 -9.57 -10.15 3.41
N LEU A 149 -9.24 -8.88 3.20
CA LEU A 149 -9.96 -8.05 2.23
C LEU A 149 -9.01 -7.40 1.24
N MET A 150 -7.85 -7.00 1.72
CA MET A 150 -6.83 -6.39 0.88
C MET A 150 -5.44 -6.81 1.31
N ILE A 151 -4.50 -6.73 0.38
CA ILE A 151 -3.10 -7.00 0.68
C ILE A 151 -2.23 -5.96 0.00
N HIS A 152 -1.36 -5.32 0.77
CA HIS A 152 -0.37 -4.40 0.22
C HIS A 152 0.99 -5.02 0.43
N CYS A 153 1.81 -5.03 -0.62
CA CYS A 153 3.16 -5.56 -0.50
C CYS A 153 4.12 -4.90 -1.47
N ALA A 154 5.41 -5.01 -1.15
CA ALA A 154 6.45 -4.39 -1.93
C ALA A 154 7.63 -5.33 -2.04
N HIS A 155 8.24 -5.37 -3.22
CA HIS A 155 9.44 -6.13 -3.41
C HIS A 155 10.48 -5.16 -3.98
N ARG A 156 11.37 -4.68 -3.13
CA ARG A 156 12.33 -3.69 -3.54
C ARG A 156 13.75 -4.26 -3.59
N ASN A 157 14.47 -3.88 -4.64
CA ASN A 157 15.85 -4.32 -4.84
C ASN A 157 16.70 -3.08 -5.06
N PRO A 158 17.91 -3.05 -4.48
CA PRO A 158 18.76 -1.86 -4.54
C PRO A 158 19.04 -1.43 -5.98
N THR A 159 19.52 -2.36 -6.80
CA THR A 159 19.82 -2.07 -8.19
C THR A 159 19.95 -3.38 -8.97
N VAL A 160 19.57 -3.36 -10.24
CA VAL A 160 19.68 -4.55 -11.08
C VAL A 160 20.77 -4.40 -12.13
N GLY A 161 20.94 -5.41 -12.96
CA GLY A 161 21.98 -5.39 -13.99
C GLY A 161 21.51 -4.83 -15.32
N ASP A 162 22.45 -4.58 -16.22
CA ASP A 162 22.11 -4.11 -17.56
C ASP A 162 21.18 -5.11 -18.22
N ASN A 163 21.43 -6.38 -17.93
CA ASN A 163 20.66 -7.50 -18.45
C ASN A 163 19.17 -7.49 -18.04
N TYR A 164 18.87 -6.91 -16.87
CA TYR A 164 17.52 -6.97 -16.32
C TYR A 164 16.50 -6.16 -17.14
N THR A 165 15.42 -6.82 -17.56
CA THR A 165 14.44 -6.22 -18.46
C THR A 165 13.04 -6.18 -17.86
N THR A 166 12.22 -5.27 -18.37
CA THR A 166 10.88 -4.99 -17.84
C THR A 166 10.07 -6.22 -17.44
N ASP A 167 9.96 -7.20 -18.33
CA ASP A 167 9.15 -8.36 -18.05
C ASP A 167 9.70 -9.20 -16.89
N MET A 168 11.00 -9.08 -16.63
CA MET A 168 11.64 -9.88 -15.59
C MET A 168 11.10 -9.54 -14.19
N ALA A 169 10.54 -8.34 -14.05
CA ALA A 169 9.95 -7.92 -12.79
C ALA A 169 8.83 -8.85 -12.36
N VAL A 170 8.05 -9.34 -13.33
CA VAL A 170 6.94 -10.23 -13.04
C VAL A 170 7.35 -11.71 -13.09
N VAL A 171 8.16 -12.07 -14.09
CA VAL A 171 8.51 -13.48 -14.31
C VAL A 171 9.54 -13.98 -13.31
N ASP A 172 10.44 -13.10 -12.88
CA ASP A 172 11.45 -13.48 -11.90
C ASP A 172 11.12 -12.97 -10.51
N THR A 173 10.88 -11.66 -10.42
CA THR A 173 10.80 -10.99 -9.14
C THR A 173 9.47 -11.20 -8.40
N LEU A 174 8.38 -10.77 -9.03
CA LEU A 174 7.05 -10.87 -8.43
C LEU A 174 6.56 -12.30 -8.27
N VAL A 175 7.31 -13.26 -8.82
CA VAL A 175 6.85 -14.64 -8.83
C VAL A 175 6.75 -15.23 -7.43
N HIS A 176 7.59 -14.77 -6.52
CA HIS A 176 7.55 -15.23 -5.13
C HIS A 176 6.29 -14.74 -4.41
N GLU A 177 5.96 -13.46 -4.58
CA GLU A 177 4.72 -12.92 -4.03
C GLU A 177 3.52 -13.68 -4.59
N ILE A 178 3.55 -13.93 -5.89
CA ILE A 178 2.47 -14.63 -6.56
C ILE A 178 2.19 -16.01 -5.94
N ASP A 179 3.25 -16.74 -5.58
CA ASP A 179 3.04 -18.02 -4.92
C ASP A 179 2.57 -17.91 -3.48
N VAL A 180 3.27 -17.10 -2.68
CA VAL A 180 3.02 -17.07 -1.25
C VAL A 180 1.64 -16.48 -0.90
N LEU A 181 1.21 -15.47 -1.64
CA LEU A 181 -0.05 -14.79 -1.32
C LEU A 181 -1.25 -15.70 -1.46
N HIS A 182 -1.35 -16.40 -2.58
CA HIS A 182 -2.49 -17.28 -2.79
C HIS A 182 -2.40 -18.46 -1.81
N TRP A 183 -1.19 -18.82 -1.40
CA TRP A 183 -1.03 -19.83 -0.36
C TRP A 183 -1.51 -19.33 1.00
N LEU A 184 -1.22 -18.06 1.31
CA LEU A 184 -1.64 -17.44 2.55
C LEU A 184 -3.15 -17.37 2.69
N VAL A 185 -3.83 -16.87 1.65
CA VAL A 185 -5.25 -16.56 1.75
C VAL A 185 -6.18 -17.62 1.16
N ASN A 186 -5.60 -18.72 0.66
CA ASN A 186 -6.39 -19.82 0.15
C ASN A 186 -7.44 -19.36 -0.86
N ASP A 187 -6.97 -18.73 -1.93
CA ASP A 187 -7.85 -18.18 -2.95
C ASP A 187 -7.13 -18.06 -4.28
N ASP A 188 -7.87 -18.21 -5.38
CA ASP A 188 -7.25 -18.18 -6.71
C ASP A 188 -7.36 -16.81 -7.36
N TYR A 189 -6.34 -16.46 -8.14
CA TYR A 189 -6.33 -15.18 -8.84
C TYR A 189 -7.38 -15.15 -9.94
N GLU A 190 -7.76 -13.96 -10.36
CA GLU A 190 -8.83 -13.79 -11.33
C GLU A 190 -8.53 -12.73 -12.38
N SER A 191 -7.86 -11.66 -11.97
CA SER A 191 -7.43 -10.62 -12.91
C SER A 191 -6.15 -9.94 -12.43
N VAL A 192 -5.42 -9.35 -13.37
CA VAL A 192 -4.22 -8.58 -13.04
C VAL A 192 -4.20 -7.31 -13.88
N GLN A 193 -3.58 -6.27 -13.34
CA GLN A 193 -3.42 -5.01 -14.05
C GLN A 193 -2.12 -4.33 -13.65
N VAL A 194 -1.41 -3.80 -14.64
CA VAL A 194 -0.13 -3.16 -14.37
C VAL A 194 -0.22 -1.66 -14.61
N ILE A 195 0.26 -0.88 -13.62
CA ILE A 195 0.27 0.57 -13.71
C ILE A 195 1.70 1.07 -13.54
N TYR A 196 2.16 1.85 -14.52
CA TYR A 196 3.52 2.36 -14.49
C TYR A 196 3.60 3.78 -13.94
N PRO A 197 4.28 3.97 -12.80
CA PRO A 197 4.50 5.31 -12.30
C PRO A 197 5.67 5.98 -13.04
N LYS A 198 5.82 7.28 -12.88
CA LYS A 198 7.00 8.01 -13.33
C LYS A 198 8.23 7.12 -13.20
N LYS A 199 9.09 7.14 -14.22
CA LYS A 199 10.29 6.31 -14.22
C LYS A 199 11.25 6.77 -13.13
N SER A 200 12.08 5.86 -12.65
CA SER A 200 13.10 6.21 -11.66
C SER A 200 14.43 6.51 -12.33
N LYS A 201 15.12 7.54 -11.86
CA LYS A 201 16.40 7.96 -12.41
C LYS A 201 17.42 6.83 -12.32
N ASN A 202 17.18 5.86 -11.44
CA ASN A 202 18.14 4.80 -11.18
C ASN A 202 17.99 3.63 -12.15
N ALA A 203 16.84 3.57 -12.80
CA ALA A 203 16.59 2.57 -13.82
C ALA A 203 17.25 2.98 -15.13
N LEU A 204 17.90 2.02 -15.79
CA LEU A 204 18.44 2.25 -17.12
C LEU A 204 17.30 2.57 -18.08
N PRO A 205 17.62 3.21 -19.22
CA PRO A 205 16.58 3.68 -20.14
C PRO A 205 15.69 2.56 -20.66
N HIS A 206 16.25 1.35 -20.80
CA HIS A 206 15.52 0.24 -21.38
C HIS A 206 14.61 -0.50 -20.41
N LEU A 207 14.57 -0.05 -19.15
CA LEU A 207 13.80 -0.74 -18.11
C LEU A 207 12.67 0.11 -17.56
N LYS A 208 11.49 -0.49 -17.40
CA LYS A 208 10.35 0.18 -16.79
C LYS A 208 10.29 -0.08 -15.28
N ASP A 209 10.94 0.79 -14.52
CA ASP A 209 11.01 0.66 -13.08
C ASP A 209 10.71 2.00 -12.41
N PRO A 210 9.75 2.04 -11.47
CA PRO A 210 9.04 0.93 -10.82
C PRO A 210 7.78 0.48 -11.53
N GLN A 211 7.10 -0.50 -10.94
CA GLN A 211 5.84 -1.02 -11.45
C GLN A 211 4.88 -1.26 -10.30
N ILE A 212 3.58 -1.18 -10.61
CA ILE A 212 2.55 -1.52 -9.64
C ILE A 212 1.61 -2.56 -10.23
N VAL A 213 1.43 -3.66 -9.53
CA VAL A 213 0.61 -4.73 -10.05
C VAL A 213 -0.59 -4.96 -9.16
N VAL A 214 -1.78 -4.79 -9.73
CA VAL A 214 -3.02 -4.99 -9.00
C VAL A 214 -3.63 -6.34 -9.38
N ILE A 215 -3.98 -7.13 -8.37
CA ILE A 215 -4.45 -8.50 -8.58
C ILE A 215 -5.67 -8.78 -7.71
N GLU A 216 -6.78 -9.16 -8.32
CA GLU A 216 -7.98 -9.54 -7.57
C GLU A 216 -8.11 -11.05 -7.56
N THR A 217 -8.49 -11.61 -6.41
CA THR A 217 -8.76 -13.04 -6.32
C THR A 217 -10.22 -13.30 -6.68
N LYS A 218 -10.63 -14.56 -6.72
CA LYS A 218 -12.01 -14.93 -7.01
C LYS A 218 -12.95 -14.45 -5.90
N GLY A 219 -12.50 -14.61 -4.66
CA GLY A 219 -13.29 -14.21 -3.51
C GLY A 219 -13.40 -12.71 -3.33
N GLY A 220 -12.56 -11.97 -4.04
CA GLY A 220 -12.63 -10.51 -4.03
C GLY A 220 -11.53 -9.80 -3.27
N ILE A 221 -10.55 -10.55 -2.77
CA ILE A 221 -9.40 -9.93 -2.15
C ILE A 221 -8.67 -9.09 -3.18
N VAL A 222 -8.31 -7.86 -2.84
CA VAL A 222 -7.56 -7.01 -3.75
C VAL A 222 -6.11 -6.86 -3.31
N ILE A 223 -5.20 -7.25 -4.20
CA ILE A 223 -3.77 -7.15 -3.93
C ILE A 223 -3.21 -6.03 -4.77
N ASN A 224 -2.43 -5.16 -4.17
CA ASN A 224 -1.60 -4.26 -4.97
C ASN A 224 -0.13 -4.35 -4.57
N ALA A 225 0.70 -4.74 -5.53
CA ALA A 225 2.07 -5.09 -5.26
C ALA A 225 3.04 -4.13 -5.93
N GLU A 226 3.89 -3.50 -5.14
CA GLU A 226 4.85 -2.56 -5.67
C GLU A 226 6.16 -3.27 -5.95
N ILE A 227 6.68 -3.07 -7.15
CA ILE A 227 7.97 -3.63 -7.52
C ILE A 227 8.91 -2.50 -7.93
N TYR A 228 10.01 -2.37 -7.21
CA TYR A 228 10.97 -1.31 -7.47
C TYR A 228 12.38 -1.85 -7.30
N VAL A 229 12.98 -2.27 -8.42
CA VAL A 229 14.25 -2.97 -8.40
C VAL A 229 15.48 -2.06 -8.46
N ASN A 230 15.25 -0.75 -8.53
CA ASN A 230 16.34 0.21 -8.37
C ASN A 230 16.00 1.25 -7.29
N CYS A 231 15.61 0.79 -6.12
CA CYS A 231 15.19 1.68 -5.03
C CYS A 231 16.37 2.27 -4.27
N LYS A 232 17.56 1.74 -4.53
CA LYS A 232 18.81 2.29 -4.02
C LYS A 232 19.10 2.04 -2.53
N TYR A 233 18.10 2.25 -1.67
CA TYR A 233 18.33 2.20 -0.23
C TYR A 233 18.62 0.80 0.33
N GLY A 234 18.04 -0.22 -0.28
CA GLY A 234 18.31 -1.59 0.15
C GLY A 234 17.47 -2.67 -0.51
N TYR A 235 17.61 -3.89 -0.01
CA TYR A 235 16.75 -4.99 -0.41
C TYR A 235 15.65 -5.12 0.65
N ASP A 236 14.39 -5.13 0.23
CA ASP A 236 13.30 -4.96 1.17
C ASP A 236 12.02 -5.70 0.75
N ILE A 237 11.47 -6.51 1.65
CA ILE A 237 10.22 -7.21 1.41
C ILE A 237 9.18 -6.77 2.44
N GLN A 238 8.04 -6.27 1.97
CA GLN A 238 7.01 -5.78 2.88
C GLN A 238 5.69 -6.41 2.52
N CYS A 239 4.90 -6.74 3.53
CA CYS A 239 3.63 -7.40 3.28
C CYS A 239 2.63 -7.15 4.40
N GLU A 240 1.54 -6.48 4.06
CA GLU A 240 0.51 -6.13 5.03
C GLU A 240 -0.82 -6.74 4.59
N ILE A 241 -1.46 -7.47 5.47
CA ILE A 241 -2.76 -8.05 5.16
C ILE A 241 -3.87 -7.39 5.97
N VAL A 242 -4.80 -6.74 5.27
CA VAL A 242 -5.90 -6.05 5.92
C VAL A 242 -7.16 -6.91 5.98
N GLY A 243 -7.53 -7.34 7.18
CA GLY A 243 -8.71 -8.15 7.37
C GLY A 243 -9.91 -7.33 7.81
N GLU A 244 -11.00 -8.02 8.13
CA GLU A 244 -12.23 -7.36 8.52
C GLU A 244 -12.11 -6.69 9.87
N ASP A 245 -11.42 -7.35 10.79
CA ASP A 245 -11.39 -6.89 12.18
C ASP A 245 -9.99 -6.52 12.66
N GLY A 246 -9.01 -6.57 11.76
CA GLY A 246 -7.65 -6.26 12.14
C GLY A 246 -6.65 -6.31 11.00
N ILE A 247 -5.40 -5.98 11.31
CA ILE A 247 -4.33 -5.92 10.32
C ILE A 247 -3.07 -6.63 10.82
N ILE A 248 -2.52 -7.51 9.98
CA ILE A 248 -1.26 -8.19 10.30
C ILE A 248 -0.19 -7.84 9.27
N LYS A 249 1.05 -7.73 9.74
CA LYS A 249 2.15 -7.28 8.88
C LYS A 249 3.42 -8.09 9.09
N LEU A 250 4.15 -8.30 8.00
CA LEU A 250 5.42 -9.01 8.00
C LEU A 250 6.47 -8.18 8.72
N PRO A 251 7.30 -8.83 9.55
CA PRO A 251 8.37 -8.17 10.30
C PRO A 251 9.56 -7.78 9.41
N GLU A 252 10.32 -6.77 9.84
CA GLU A 252 11.65 -6.49 9.31
C GLU A 252 12.59 -7.61 9.76
N PRO A 253 13.65 -7.87 9.00
CA PRO A 253 14.68 -8.80 9.49
C PRO A 253 15.33 -8.25 10.77
N SER A 254 15.66 -9.13 11.71
CA SER A 254 16.23 -8.69 12.99
C SER A 254 17.50 -7.87 12.86
N SER A 255 17.55 -6.78 13.62
CA SER A 255 18.73 -5.91 13.65
C SER A 255 18.86 -5.21 15.00
N ILE A 256 20.09 -4.97 15.44
CA ILE A 256 20.31 -4.11 16.60
C ILE A 256 19.95 -2.66 16.24
N SER A 257 19.44 -1.92 17.21
CA SER A 257 19.16 -0.49 17.01
C SER A 257 20.40 0.34 17.34
N LEU A 258 20.50 1.51 16.71
CA LEU A 258 21.60 2.43 16.95
C LEU A 258 21.11 3.86 17.17
N ARG A 259 21.57 4.47 18.27
CA ARG A 259 21.40 5.90 18.49
C ARG A 259 22.73 6.61 18.23
N LYS A 260 22.80 7.35 17.13
CA LYS A 260 24.03 8.04 16.76
C LYS A 260 23.77 9.18 15.78
N GLU A 261 24.47 10.30 15.99
CA GLU A 261 24.42 11.46 15.10
C GLU A 261 23.01 11.83 14.64
N GLY A 262 22.12 12.06 15.60
CA GLY A 262 20.77 12.54 15.31
C GLY A 262 19.73 11.51 14.86
N ARG A 263 20.14 10.26 14.68
CA ARG A 263 19.19 9.23 14.22
C ARG A 263 19.07 8.03 15.17
N PHE A 264 17.86 7.49 15.25
CA PHE A 264 17.56 6.24 15.93
C PHE A 264 17.23 5.27 14.80
N SER A 265 18.10 4.29 14.57
CA SER A 265 17.99 3.47 13.37
C SER A 265 18.21 1.97 13.56
N THR A 266 17.70 1.18 12.61
CA THR A 266 18.09 -0.22 12.46
C THR A 266 18.64 -0.44 11.05
N ASP A 267 19.29 -1.59 10.84
CA ASP A 267 19.87 -1.92 9.54
C ASP A 267 18.84 -2.40 8.53
N ILE A 268 19.15 -2.17 7.26
CA ILE A 268 18.36 -2.72 6.16
C ILE A 268 19.33 -3.52 5.31
N LEU A 269 18.95 -4.76 4.97
CA LEU A 269 19.82 -5.62 4.18
C LEU A 269 20.05 -5.07 2.77
N MET A 270 21.28 -5.21 2.28
CA MET A 270 21.60 -4.85 0.90
C MET A 270 21.56 -6.06 -0.05
N ASP A 271 22.00 -7.21 0.45
CA ASP A 271 22.12 -8.42 -0.37
C ASP A 271 20.91 -9.36 -0.23
N TRP A 272 20.18 -9.55 -1.32
CA TRP A 272 19.01 -10.42 -1.30
C TRP A 272 19.33 -11.80 -0.75
N GLN A 273 20.58 -12.21 -0.89
CA GLN A 273 21.01 -13.56 -0.51
C GLN A 273 20.97 -13.81 1.00
N ARG A 274 20.99 -12.73 1.78
CA ARG A 274 20.95 -12.86 3.23
C ARG A 274 19.53 -12.80 3.79
N ARG A 275 18.57 -12.42 2.96
CA ARG A 275 17.19 -12.23 3.42
C ARG A 275 16.47 -13.53 3.77
N PHE A 276 16.77 -14.61 3.04
CA PHE A 276 15.99 -15.84 3.20
C PHE A 276 16.80 -17.10 3.47
N VAL A 277 18.07 -16.94 3.85
CA VAL A 277 18.92 -18.10 4.07
C VAL A 277 18.29 -19.16 4.97
N ALA A 278 17.56 -18.72 6.00
CA ALA A 278 16.92 -19.67 6.92
C ALA A 278 15.81 -20.44 6.25
N ALA A 279 15.07 -19.79 5.36
CA ALA A 279 13.98 -20.46 4.66
C ALA A 279 14.49 -21.50 3.66
N TYR A 280 15.65 -21.26 3.06
CA TYR A 280 16.25 -22.24 2.16
C TYR A 280 16.65 -23.49 2.92
N ASP A 281 17.31 -23.29 4.06
CA ASP A 281 17.71 -24.39 4.91
C ASP A 281 16.52 -25.24 5.30
N VAL A 282 15.47 -24.58 5.76
CA VAL A 282 14.27 -25.27 6.22
C VAL A 282 13.51 -25.89 5.05
N GLU A 283 13.60 -25.25 3.89
CA GLU A 283 12.95 -25.75 2.68
C GLU A 283 13.53 -27.09 2.25
N ILE A 284 14.86 -27.17 2.26
CA ILE A 284 15.55 -28.37 1.80
C ILE A 284 15.48 -29.47 2.86
N GLN A 285 15.79 -29.11 4.10
CA GLN A 285 15.66 -30.06 5.22
C GLN A 285 14.29 -30.74 5.24
N ASP A 286 13.27 -30.04 4.75
CA ASP A 286 11.91 -30.57 4.75
C ASP A 286 11.72 -31.52 3.58
N PHE A 287 12.29 -31.16 2.44
CA PHE A 287 12.28 -32.02 1.26
C PHE A 287 12.81 -33.41 1.66
N ILE A 288 13.95 -33.42 2.35
CA ILE A 288 14.55 -34.62 2.89
C ILE A 288 13.63 -35.34 3.89
N ASP A 289 13.47 -34.75 5.07
CA ASP A 289 12.67 -35.34 6.15
C ASP A 289 11.35 -35.91 5.66
N SER A 290 10.66 -35.16 4.80
CA SER A 290 9.36 -35.58 4.33
C SER A 290 9.43 -36.91 3.58
N ILE A 291 10.38 -37.02 2.64
CA ILE A 291 10.56 -38.26 1.90
C ILE A 291 10.81 -39.43 2.85
N GLN A 292 11.82 -39.28 3.71
CA GLN A 292 12.22 -40.35 4.63
C GLN A 292 11.22 -40.61 5.75
N LYS A 293 10.11 -39.88 5.77
CA LYS A 293 9.12 -40.01 6.85
C LYS A 293 7.70 -40.06 6.32
N LYS A 294 7.54 -40.11 5.00
CA LYS A 294 6.22 -40.07 4.39
C LYS A 294 6.20 -40.68 3.00
N GLY A 295 7.38 -40.93 2.45
CA GLY A 295 7.47 -41.45 1.10
C GLY A 295 6.84 -40.52 0.08
N GLU A 296 6.95 -39.22 0.34
CA GLU A 296 6.53 -38.21 -0.62
C GLU A 296 6.95 -36.80 -0.19
N VAL A 297 6.84 -35.85 -1.10
CA VAL A 297 7.23 -34.46 -0.83
C VAL A 297 6.05 -33.65 -0.30
N SER A 298 6.35 -32.56 0.41
CA SER A 298 5.33 -31.85 1.17
C SER A 298 5.17 -30.36 0.82
N GLY A 299 6.15 -29.79 0.13
CA GLY A 299 6.14 -28.35 -0.10
C GLY A 299 5.17 -27.89 -1.16
N PRO A 300 5.46 -26.74 -1.79
CA PRO A 300 4.71 -26.24 -2.94
C PRO A 300 4.64 -27.30 -4.04
N THR A 301 3.46 -27.48 -4.63
CA THR A 301 3.22 -28.59 -5.56
C THR A 301 3.42 -28.21 -7.03
N ALA A 302 3.40 -29.22 -7.89
CA ALA A 302 3.50 -29.01 -9.32
C ALA A 302 2.35 -28.11 -9.77
N TRP A 303 1.19 -28.30 -9.14
CA TRP A 303 0.04 -27.47 -9.47
C TRP A 303 0.33 -26.00 -9.19
N ASP A 304 0.96 -25.74 -8.04
CA ASP A 304 1.32 -24.37 -7.66
C ASP A 304 2.22 -23.77 -8.73
N GLY A 305 3.15 -24.57 -9.23
CA GLY A 305 3.99 -24.16 -10.34
C GLY A 305 3.16 -23.72 -11.53
N TYR A 306 2.11 -24.48 -11.82
CA TYR A 306 1.22 -24.13 -12.93
C TYR A 306 0.54 -22.79 -12.66
N ILE A 307 0.02 -22.63 -11.45
CA ILE A 307 -0.63 -21.37 -11.08
C ILE A 307 0.32 -20.20 -11.26
N ALA A 308 1.56 -20.36 -10.78
CA ALA A 308 2.57 -19.32 -10.94
C ALA A 308 2.76 -18.99 -12.41
N ALA A 309 2.94 -20.02 -13.23
CA ALA A 309 3.14 -19.86 -14.66
C ALA A 309 1.99 -19.11 -15.34
N VAL A 310 0.76 -19.50 -15.02
CA VAL A 310 -0.40 -18.85 -15.62
C VAL A 310 -0.49 -17.38 -15.24
N THR A 311 -0.41 -17.10 -13.94
CA THR A 311 -0.52 -15.74 -13.43
C THR A 311 0.58 -14.85 -14.00
N THR A 312 1.79 -15.41 -14.10
CA THR A 312 2.90 -14.72 -14.72
C THR A 312 2.59 -14.29 -16.16
N ASP A 313 2.11 -15.24 -16.96
CA ASP A 313 1.72 -14.95 -18.35
C ASP A 313 0.73 -13.79 -18.40
N ALA A 314 -0.27 -13.82 -17.52
CA ALA A 314 -1.26 -12.76 -17.45
C ALA A 314 -0.62 -11.41 -17.15
N CYS A 315 0.35 -11.41 -16.24
CA CYS A 315 1.02 -10.17 -15.85
C CYS A 315 1.81 -9.58 -17.01
N VAL A 316 2.47 -10.44 -17.77
CA VAL A 316 3.25 -9.98 -18.92
C VAL A 316 2.32 -9.43 -20.00
N LYS A 317 1.14 -10.03 -20.13
CA LYS A 317 0.13 -9.51 -21.03
C LYS A 317 -0.28 -8.10 -20.59
N ALA A 318 -0.65 -7.98 -19.32
CA ALA A 318 -1.08 -6.70 -18.77
C ALA A 318 0.03 -5.65 -18.88
N GLN A 319 1.27 -6.09 -18.75
CA GLN A 319 2.43 -5.21 -18.88
C GLN A 319 2.41 -4.44 -20.19
N GLU A 320 2.11 -5.15 -21.28
CA GLU A 320 2.24 -4.58 -22.61
C GLU A 320 0.95 -4.00 -23.19
N SER A 321 -0.18 -4.39 -22.61
CA SER A 321 -1.47 -3.93 -23.11
C SER A 321 -2.06 -2.81 -22.26
N GLY A 322 -1.53 -2.64 -21.05
CA GLY A 322 -2.07 -1.67 -20.12
C GLY A 322 -3.51 -1.98 -19.78
N GLN A 323 -3.92 -3.22 -20.04
CA GLN A 323 -5.30 -3.65 -19.84
C GLN A 323 -5.48 -4.42 -18.54
N LYS A 324 -6.74 -4.68 -18.20
CA LYS A 324 -7.06 -5.58 -17.11
C LYS A 324 -7.22 -7.00 -17.64
N GLU A 325 -6.14 -7.76 -17.63
CA GLU A 325 -6.13 -9.13 -18.14
C GLU A 325 -6.79 -10.13 -17.19
N LYS A 326 -7.26 -11.23 -17.76
CA LYS A 326 -7.91 -12.29 -17.00
C LYS A 326 -6.94 -13.44 -16.73
N VAL A 327 -7.05 -14.04 -15.54
CA VAL A 327 -6.24 -15.19 -15.17
C VAL A 327 -7.10 -16.43 -15.23
N GLU A 328 -7.00 -17.18 -16.32
CA GLU A 328 -7.86 -18.33 -16.55
C GLU A 328 -7.18 -19.64 -16.17
N LEU A 329 -7.60 -20.20 -15.04
CA LEU A 329 -7.02 -21.44 -14.54
C LEU A 329 -7.89 -22.63 -14.87
N LYS A 330 -7.26 -23.75 -15.19
CA LYS A 330 -7.97 -25.02 -15.31
C LYS A 330 -8.35 -25.49 -13.90
N GLU A 331 -9.35 -26.34 -13.81
CA GLU A 331 -9.82 -26.83 -12.51
C GLU A 331 -8.71 -27.56 -11.77
N LYS A 332 -8.63 -27.34 -10.47
CA LYS A 332 -7.62 -27.99 -9.64
C LYS A 332 -7.93 -29.48 -9.50
N PRO A 333 -7.13 -30.33 -10.15
CA PRO A 333 -7.27 -31.79 -10.06
C PRO A 333 -7.19 -32.27 -8.61
N GLU A 334 -8.17 -33.07 -8.20
CA GLU A 334 -8.26 -33.52 -6.81
C GLU A 334 -6.97 -34.19 -6.34
N PHE A 335 -6.16 -34.65 -7.28
CA PHE A 335 -4.88 -35.26 -6.96
C PHE A 335 -4.10 -34.38 -6.00
N TYR A 336 -4.37 -33.08 -6.03
CA TYR A 336 -3.64 -32.11 -5.22
C TYR A 336 -4.45 -31.59 -4.04
N GLN A 337 -5.06 -32.50 -3.28
CA GLN A 337 -5.82 -32.12 -2.08
C GLN A 337 -6.46 -33.34 -1.40
N MET B 1 -5.83 44.03 20.95
CA MET B 1 -6.56 44.28 19.71
C MET B 1 -7.11 42.99 19.08
N SER B 2 -7.98 42.31 19.82
CA SER B 2 -8.50 41.02 19.39
C SER B 2 -9.33 41.08 18.11
N LEU B 3 -9.03 40.18 17.17
CA LEU B 3 -9.80 40.04 15.95
C LEU B 3 -11.21 39.59 16.29
N ARG B 4 -12.19 40.37 15.85
CA ARG B 4 -13.58 40.07 16.18
C ARG B 4 -14.19 39.12 15.15
N ILE B 5 -14.74 38.01 15.65
CA ILE B 5 -15.15 36.92 14.79
C ILE B 5 -16.59 36.51 15.02
N GLY B 6 -17.28 36.20 13.92
CA GLY B 6 -18.64 35.70 13.99
C GLY B 6 -18.71 34.29 13.45
N VAL B 7 -19.55 33.45 14.06
CA VAL B 7 -19.66 32.06 13.65
C VAL B 7 -21.00 31.77 12.98
N ILE B 8 -20.96 31.30 11.74
CA ILE B 8 -22.17 30.91 11.02
C ILE B 8 -22.35 29.39 11.10
N GLY B 9 -23.18 28.95 12.04
CA GLY B 9 -23.44 27.53 12.22
C GLY B 9 -22.78 27.01 13.48
N THR B 10 -23.46 27.19 14.62
CA THR B 10 -22.96 26.68 15.88
C THR B 10 -23.25 25.19 16.03
N GLY B 11 -22.72 24.41 15.09
CA GLY B 11 -22.88 22.97 15.11
C GLY B 11 -21.83 22.30 15.96
N ALA B 12 -21.58 21.01 15.70
CA ALA B 12 -20.58 20.28 16.46
C ALA B 12 -19.21 20.93 16.35
N ILE B 13 -18.73 21.11 15.12
CA ILE B 13 -17.41 21.67 14.89
C ILE B 13 -17.40 23.18 15.18
N GLY B 14 -18.55 23.82 14.99
CA GLY B 14 -18.69 25.23 15.29
C GLY B 14 -18.47 25.48 16.77
N LYS B 15 -19.01 24.58 17.60
CA LYS B 15 -18.82 24.67 19.04
C LYS B 15 -17.35 24.55 19.43
N GLU B 16 -16.65 23.60 18.82
CA GLU B 16 -15.23 23.39 19.12
C GLU B 16 -14.35 24.56 18.71
N HIS B 17 -14.59 25.12 17.53
CA HIS B 17 -13.84 26.30 17.09
C HIS B 17 -14.10 27.48 18.01
N ILE B 18 -15.32 27.58 18.52
CA ILE B 18 -15.67 28.63 19.46
C ILE B 18 -14.92 28.44 20.77
N ASN B 19 -14.81 27.19 21.21
CA ASN B 19 -14.16 26.88 22.48
C ASN B 19 -12.65 27.12 22.44
N ARG B 20 -12.00 26.75 21.34
CA ARG B 20 -10.58 26.96 21.22
C ARG B 20 -10.21 28.44 21.08
N ILE B 21 -11.00 29.17 20.31
CA ILE B 21 -10.79 30.62 20.15
C ILE B 21 -11.05 31.35 21.48
N THR B 22 -12.00 30.84 22.25
CA THR B 22 -12.37 31.47 23.50
C THR B 22 -11.42 31.12 24.64
N ASN B 23 -10.93 29.88 24.66
CA ASN B 23 -10.23 29.34 25.83
C ASN B 23 -8.82 28.81 25.59
N LYS B 24 -8.35 28.84 24.34
CA LYS B 24 -7.03 28.27 24.05
C LYS B 24 -6.14 29.20 23.23
N LEU B 25 -6.69 29.82 22.21
CA LEU B 25 -5.86 30.59 21.29
C LEU B 25 -5.65 32.02 21.76
N SER B 26 -4.98 32.81 20.93
CA SER B 26 -4.63 34.18 21.30
C SER B 26 -5.01 35.19 20.23
N GLY B 27 -5.66 36.27 20.66
CA GLY B 27 -5.86 37.44 19.81
C GLY B 27 -7.17 37.52 19.06
N ALA B 28 -8.24 36.95 19.61
CA ALA B 28 -9.54 36.98 18.94
C ALA B 28 -10.68 36.57 19.86
N GLU B 29 -11.89 37.03 19.53
CA GLU B 29 -13.06 36.66 20.32
C GLU B 29 -14.29 36.45 19.43
N ILE B 30 -15.21 35.64 19.91
CA ILE B 30 -16.48 35.43 19.22
C ILE B 30 -17.45 36.51 19.68
N VAL B 31 -18.03 37.25 18.71
CA VAL B 31 -18.93 38.34 19.03
C VAL B 31 -20.31 38.14 18.41
N ALA B 32 -20.45 37.15 17.55
CA ALA B 32 -21.72 36.89 16.89
C ALA B 32 -21.84 35.47 16.38
N VAL B 33 -22.92 34.80 16.77
CA VAL B 33 -23.22 33.48 16.25
C VAL B 33 -24.59 33.50 15.60
N THR B 34 -24.72 32.79 14.49
CA THR B 34 -26.02 32.58 13.88
C THR B 34 -26.17 31.12 13.50
N ASP B 35 -27.33 30.55 13.82
CA ASP B 35 -27.61 29.18 13.46
C ASP B 35 -29.03 29.05 12.92
N VAL B 36 -29.21 28.13 11.97
CA VAL B 36 -30.52 27.88 11.39
C VAL B 36 -31.51 27.53 12.51
N ASN B 37 -30.97 27.06 13.63
CA ASN B 37 -31.75 26.88 14.84
C ASN B 37 -31.42 27.97 15.84
N GLN B 38 -32.33 28.92 16.01
CA GLN B 38 -32.12 30.08 16.87
C GLN B 38 -31.86 29.67 18.32
N GLU B 39 -32.49 28.57 18.73
CA GLU B 39 -32.37 28.11 20.11
C GLU B 39 -31.05 27.36 20.35
N ALA B 40 -30.56 26.69 19.31
CA ALA B 40 -29.25 26.04 19.39
C ALA B 40 -28.17 27.08 19.63
N ALA B 41 -28.17 28.11 18.78
CA ALA B 41 -27.23 29.21 18.91
C ALA B 41 -27.30 29.85 20.29
N GLN B 42 -28.51 29.94 20.84
CA GLN B 42 -28.67 30.55 22.15
C GLN B 42 -28.04 29.69 23.25
N LYS B 43 -28.19 28.38 23.13
CA LYS B 43 -27.59 27.46 24.09
C LYS B 43 -26.08 27.63 24.12
N VAL B 44 -25.49 27.77 22.94
CA VAL B 44 -24.05 27.92 22.81
C VAL B 44 -23.54 29.24 23.38
N VAL B 45 -24.35 30.28 23.27
CA VAL B 45 -23.97 31.60 23.78
C VAL B 45 -23.83 31.56 25.30
N GLU B 46 -24.68 30.78 25.95
CA GLU B 46 -24.63 30.63 27.41
C GLU B 46 -23.66 29.53 27.79
N GLN B 47 -23.52 28.54 26.91
CA GLN B 47 -22.58 27.44 27.09
C GLN B 47 -21.18 27.95 27.43
N TYR B 48 -20.61 28.73 26.51
CA TYR B 48 -19.25 29.24 26.69
C TYR B 48 -19.26 30.69 27.16
N GLN B 49 -20.23 31.03 28.01
CA GLN B 49 -20.37 32.38 28.53
C GLN B 49 -19.87 33.43 27.54
N LEU B 50 -20.37 33.35 26.31
CA LEU B 50 -19.95 34.26 25.25
C LEU B 50 -20.64 35.60 25.36
N ASN B 51 -19.93 36.66 24.97
CA ASN B 51 -20.49 38.00 24.93
C ASN B 51 -20.87 38.34 23.49
N ALA B 52 -21.74 37.53 22.90
CA ALA B 52 -22.06 37.64 21.48
C ALA B 52 -23.53 37.95 21.19
N THR B 53 -23.82 38.17 19.92
CA THR B 53 -25.18 38.48 19.48
C THR B 53 -25.74 37.35 18.62
N VAL B 54 -27.00 37.00 18.85
CA VAL B 54 -27.67 35.96 18.09
C VAL B 54 -28.48 36.53 16.94
N TYR B 55 -28.13 36.14 15.72
CA TYR B 55 -28.82 36.62 14.52
C TYR B 55 -29.68 35.54 13.90
N PRO B 56 -30.83 35.92 13.34
CA PRO B 56 -31.75 34.99 12.69
C PRO B 56 -31.13 34.39 11.43
N ASN B 57 -30.30 35.17 10.76
CA ASN B 57 -29.61 34.71 9.55
C ASN B 57 -28.22 35.33 9.38
N ASP B 58 -27.46 34.82 8.43
CA ASP B 58 -26.12 35.32 8.16
C ASP B 58 -26.11 36.78 7.70
N ASP B 59 -27.05 37.15 6.84
CA ASP B 59 -27.15 38.51 6.33
C ASP B 59 -27.02 39.53 7.45
N SER B 60 -27.82 39.34 8.50
CA SER B 60 -27.81 40.25 9.64
C SER B 60 -26.52 40.16 10.44
N LEU B 61 -25.97 38.95 10.57
CA LEU B 61 -24.70 38.75 11.27
C LEU B 61 -23.58 39.49 10.54
N LEU B 62 -23.54 39.32 9.22
CA LEU B 62 -22.54 39.97 8.39
C LEU B 62 -22.74 41.48 8.37
N ALA B 63 -24.00 41.89 8.53
CA ALA B 63 -24.33 43.31 8.59
C ALA B 63 -23.69 43.97 9.80
N ASP B 64 -23.49 43.16 10.85
CA ASP B 64 -22.85 43.65 12.07
C ASP B 64 -21.44 44.17 11.78
N GLU B 65 -21.25 45.48 11.89
CA GLU B 65 -19.98 46.11 11.58
C GLU B 65 -18.88 45.77 12.59
N ASN B 66 -19.24 45.00 13.61
CA ASN B 66 -18.27 44.49 14.57
C ASN B 66 -17.42 43.36 14.00
N VAL B 67 -18.10 42.35 13.43
CA VAL B 67 -17.40 41.16 12.94
C VAL B 67 -16.37 41.51 11.87
N ASP B 68 -15.14 41.07 12.08
CA ASP B 68 -14.08 41.28 11.09
C ASP B 68 -13.94 40.03 10.24
N ALA B 69 -14.26 38.88 10.83
CA ALA B 69 -14.13 37.60 10.13
C ALA B 69 -15.19 36.61 10.57
N VAL B 70 -15.44 35.62 9.72
CA VAL B 70 -16.46 34.63 10.02
C VAL B 70 -15.94 33.20 9.90
N LEU B 71 -16.44 32.33 10.77
CA LEU B 71 -16.21 30.91 10.63
C LEU B 71 -17.43 30.27 9.97
N VAL B 72 -17.28 29.82 8.73
CA VAL B 72 -18.37 29.13 8.05
C VAL B 72 -18.35 27.64 8.41
N THR B 73 -19.21 27.25 9.34
CA THR B 73 -19.17 25.91 9.91
C THR B 73 -20.56 25.31 10.05
N SER B 74 -21.29 25.27 8.95
CA SER B 74 -22.62 24.68 8.93
C SER B 74 -22.70 23.59 7.88
N TRP B 75 -23.90 23.05 7.65
CA TRP B 75 -24.08 22.03 6.62
C TRP B 75 -23.24 22.35 5.40
N GLY B 76 -22.67 21.33 4.77
CA GLY B 76 -21.85 21.50 3.59
C GLY B 76 -22.49 22.34 2.48
N PRO B 77 -23.74 22.02 2.11
CA PRO B 77 -24.46 22.76 1.07
C PRO B 77 -24.58 24.25 1.37
N ALA B 78 -24.68 24.59 2.67
CA ALA B 78 -24.92 25.96 3.09
C ALA B 78 -23.64 26.80 3.14
N HIS B 79 -22.57 26.31 2.53
CA HIS B 79 -21.29 27.01 2.58
C HIS B 79 -21.12 28.06 1.49
N GLU B 80 -21.30 27.64 0.23
CA GLU B 80 -21.09 28.55 -0.89
C GLU B 80 -21.78 29.88 -0.64
N SER B 81 -23.07 29.83 -0.33
CA SER B 81 -23.84 31.03 -0.04
C SER B 81 -23.14 31.93 0.98
N SER B 82 -22.97 31.42 2.20
CA SER B 82 -22.35 32.19 3.27
C SER B 82 -20.97 32.73 2.89
N VAL B 83 -20.22 31.93 2.14
CA VAL B 83 -18.88 32.34 1.71
C VAL B 83 -18.95 33.53 0.74
N LEU B 84 -19.76 33.39 -0.32
CA LEU B 84 -19.91 34.45 -1.32
C LEU B 84 -20.35 35.77 -0.70
N LYS B 85 -21.42 35.73 0.10
CA LYS B 85 -21.86 36.91 0.81
C LYS B 85 -20.68 37.52 1.55
N ALA B 86 -20.03 36.69 2.37
CA ALA B 86 -18.91 37.14 3.19
C ALA B 86 -17.85 37.86 2.37
N ILE B 87 -17.61 37.39 1.15
CA ILE B 87 -16.62 38.02 0.27
C ILE B 87 -17.12 39.37 -0.23
N LYS B 88 -18.36 39.40 -0.70
CA LYS B 88 -18.99 40.64 -1.11
C LYS B 88 -19.02 41.63 0.06
N ALA B 89 -19.39 41.15 1.24
CA ALA B 89 -19.38 41.98 2.44
C ALA B 89 -17.95 42.26 2.90
N GLN B 90 -16.99 41.70 2.16
CA GLN B 90 -15.57 41.88 2.46
C GLN B 90 -15.21 41.69 3.93
N LYS B 91 -15.48 40.48 4.43
CA LYS B 91 -14.98 40.04 5.73
C LYS B 91 -13.94 38.95 5.49
N TYR B 92 -13.15 38.63 6.51
CA TYR B 92 -12.25 37.49 6.41
C TYR B 92 -13.04 36.23 6.70
N VAL B 93 -12.80 35.18 5.92
CA VAL B 93 -13.57 33.96 6.09
C VAL B 93 -12.70 32.70 6.21
N PHE B 94 -12.92 31.97 7.29
CA PHE B 94 -12.37 30.62 7.43
C PHE B 94 -13.49 29.64 7.19
N CYS B 95 -13.38 28.87 6.10
CA CYS B 95 -14.43 27.94 5.73
C CYS B 95 -14.00 26.48 5.88
N GLU B 96 -14.69 25.77 6.78
CA GLU B 96 -14.51 24.33 6.93
C GLU B 96 -14.88 23.61 5.63
N LYS B 97 -14.15 22.54 5.31
CA LYS B 97 -14.48 21.72 4.15
C LYS B 97 -15.95 21.28 4.15
N PRO B 98 -16.58 21.23 2.96
CA PRO B 98 -15.95 21.63 1.71
C PRO B 98 -16.10 23.13 1.50
N LEU B 99 -15.38 23.68 0.53
CA LEU B 99 -15.55 25.08 0.15
C LEU B 99 -16.94 25.23 -0.45
N ALA B 100 -17.26 24.32 -1.37
CA ALA B 100 -18.60 24.22 -1.95
C ALA B 100 -18.81 22.78 -2.42
N THR B 101 -20.07 22.34 -2.47
CA THR B 101 -20.37 20.96 -2.83
C THR B 101 -20.28 20.69 -4.33
N THR B 102 -20.11 21.74 -5.13
CA THR B 102 -19.97 21.59 -6.57
C THR B 102 -18.68 22.24 -7.06
N ALA B 103 -18.06 21.63 -8.08
CA ALA B 103 -16.81 22.15 -8.61
C ALA B 103 -16.99 23.57 -9.13
N GLU B 104 -18.19 23.86 -9.62
CA GLU B 104 -18.53 25.17 -10.17
C GLU B 104 -18.73 26.20 -9.06
N GLY B 105 -19.44 25.81 -8.00
CA GLY B 105 -19.64 26.66 -6.85
C GLY B 105 -18.31 27.19 -6.32
N CYS B 106 -17.28 26.35 -6.39
CA CYS B 106 -15.94 26.74 -5.95
C CYS B 106 -15.30 27.70 -6.93
N MET B 107 -15.52 27.46 -8.23
CA MET B 107 -14.98 28.35 -9.24
C MET B 107 -15.62 29.72 -9.12
N ARG B 108 -16.87 29.75 -8.66
CA ARG B 108 -17.57 31.01 -8.42
C ARG B 108 -16.91 31.80 -7.31
N ILE B 109 -16.55 31.11 -6.25
CA ILE B 109 -15.86 31.73 -5.12
C ILE B 109 -14.47 32.18 -5.54
N VAL B 110 -13.78 31.35 -6.31
CA VAL B 110 -12.45 31.70 -6.82
C VAL B 110 -12.45 33.06 -7.50
N GLU B 111 -13.44 33.29 -8.37
CA GLU B 111 -13.54 34.54 -9.12
C GLU B 111 -13.77 35.75 -8.21
N GLU B 112 -14.78 35.66 -7.34
CA GLU B 112 -15.08 36.75 -6.41
C GLU B 112 -13.84 37.24 -5.67
N GLU B 113 -13.05 36.28 -5.17
CA GLU B 113 -11.86 36.61 -4.39
C GLU B 113 -10.79 37.33 -5.21
N ILE B 114 -10.57 36.87 -6.43
CA ILE B 114 -9.59 37.49 -7.31
C ILE B 114 -9.89 38.97 -7.47
N LYS B 115 -11.17 39.29 -7.60
CA LYS B 115 -11.61 40.68 -7.72
C LYS B 115 -11.19 41.50 -6.52
N VAL B 116 -11.58 41.05 -5.33
CA VAL B 116 -11.29 41.75 -4.09
C VAL B 116 -9.80 42.12 -3.93
N GLY B 117 -8.94 41.46 -4.69
CA GLY B 117 -7.54 41.86 -4.75
C GLY B 117 -6.62 41.20 -3.74
N LYS B 118 -7.16 40.81 -2.59
CA LYS B 118 -6.38 40.06 -1.62
C LYS B 118 -7.08 38.78 -1.20
N ARG B 119 -6.37 37.96 -0.43
CA ARG B 119 -6.89 36.67 0.00
C ARG B 119 -7.69 36.79 1.28
N LEU B 120 -8.98 36.47 1.19
CA LEU B 120 -9.88 36.53 2.33
C LEU B 120 -10.29 35.13 2.76
N VAL B 121 -10.26 34.20 1.80
CA VAL B 121 -10.77 32.85 2.02
C VAL B 121 -9.67 31.84 2.36
N GLN B 122 -9.77 31.24 3.55
CA GLN B 122 -8.94 30.11 3.92
C GLN B 122 -9.82 28.89 4.19
N VAL B 123 -9.43 27.75 3.62
CA VAL B 123 -10.21 26.52 3.77
C VAL B 123 -9.63 25.61 4.85
N GLY B 124 -10.50 25.01 5.64
CA GLY B 124 -10.11 24.22 6.79
C GLY B 124 -9.58 22.82 6.52
N PHE B 125 -8.53 22.72 5.72
CA PHE B 125 -7.80 21.46 5.57
C PHE B 125 -6.64 21.43 6.55
N MET B 126 -6.94 21.06 7.79
CA MET B 126 -6.01 21.21 8.91
C MET B 126 -4.78 20.31 8.84
N ARG B 127 -4.87 19.21 8.10
CA ARG B 127 -3.76 18.27 7.99
C ARG B 127 -2.45 18.97 7.65
N ARG B 128 -2.53 20.08 6.91
CA ARG B 128 -1.33 20.80 6.51
C ARG B 128 -0.61 21.37 7.73
N TYR B 129 -1.31 21.40 8.86
CA TYR B 129 -0.75 21.97 10.08
C TYR B 129 -0.30 20.89 11.07
N ASP B 130 -0.43 19.63 10.67
CA ASP B 130 0.01 18.52 11.50
C ASP B 130 1.53 18.40 11.41
N SER B 131 2.17 18.27 12.57
CA SER B 131 3.64 18.18 12.64
C SER B 131 4.19 17.04 11.79
N GLY B 132 3.45 15.94 11.75
CA GLY B 132 3.81 14.80 10.91
C GLY B 132 3.91 15.20 9.45
N TYR B 133 2.80 15.70 8.91
CA TYR B 133 2.76 16.12 7.51
C TYR B 133 3.73 17.27 7.25
N VAL B 134 3.87 18.16 8.22
CA VAL B 134 4.85 19.23 8.14
C VAL B 134 6.27 18.65 8.01
N GLN B 135 6.55 17.61 8.79
CA GLN B 135 7.84 16.92 8.68
C GLN B 135 8.02 16.28 7.29
N LEU B 136 6.95 15.69 6.77
CA LEU B 136 6.99 15.09 5.44
C LEU B 136 7.34 16.15 4.38
N LYS B 137 6.63 17.29 4.46
CA LYS B 137 6.82 18.38 3.51
C LYS B 137 8.26 18.89 3.54
N GLU B 138 8.78 19.07 4.75
CA GLU B 138 10.15 19.49 4.96
C GLU B 138 11.18 18.57 4.29
N ALA B 139 10.98 17.26 4.43
CA ALA B 139 11.89 16.28 3.85
C ALA B 139 11.83 16.30 2.33
N LEU B 140 10.61 16.40 1.81
CA LEU B 140 10.40 16.50 0.37
C LEU B 140 11.00 17.78 -0.20
N ASP B 141 10.84 18.89 0.52
CA ASP B 141 11.39 20.16 0.08
C ASP B 141 12.91 20.14 0.10
N ASN B 142 13.48 19.28 0.95
CA ASN B 142 14.93 19.19 1.05
C ASN B 142 15.55 18.14 0.14
N HIS B 143 14.70 17.46 -0.65
CA HIS B 143 15.17 16.48 -1.62
C HIS B 143 15.77 15.23 -0.95
N VAL B 144 15.36 14.99 0.29
CA VAL B 144 15.89 13.87 1.08
C VAL B 144 15.79 12.53 0.36
N ILE B 145 14.70 12.30 -0.35
CA ILE B 145 14.52 11.02 -1.05
C ILE B 145 14.44 11.19 -2.57
N GLY B 146 14.85 12.36 -3.07
CA GLY B 146 14.75 12.63 -4.50
C GLY B 146 13.30 12.72 -4.96
N GLU B 147 13.03 12.27 -6.17
CA GLU B 147 11.71 12.41 -6.78
C GLU B 147 10.67 11.43 -6.24
N PRO B 148 9.56 11.95 -5.71
CA PRO B 148 8.41 11.11 -5.36
C PRO B 148 7.93 10.30 -6.57
N LEU B 149 7.64 9.02 -6.37
CA LEU B 149 7.17 8.17 -7.45
C LEU B 149 5.83 7.52 -7.11
N MET B 150 5.69 7.09 -5.86
CA MET B 150 4.47 6.43 -5.41
C MET B 150 4.10 6.89 -4.01
N ILE B 151 2.81 6.82 -3.71
CA ILE B 151 2.31 7.14 -2.38
C ILE B 151 1.31 6.09 -1.96
N HIS B 152 1.49 5.50 -0.78
CA HIS B 152 0.54 4.54 -0.24
C HIS B 152 -0.09 5.09 1.02
N CYS B 153 -1.39 5.29 1.01
CA CYS B 153 -2.04 5.83 2.19
C CYS B 153 -3.33 5.11 2.50
N ALA B 154 -3.73 5.18 3.76
CA ALA B 154 -4.94 4.54 4.23
C ALA B 154 -5.65 5.47 5.18
N HIS B 155 -6.97 5.48 5.10
CA HIS B 155 -7.78 6.25 6.02
C HIS B 155 -8.78 5.27 6.58
N ARG B 156 -8.61 4.90 7.84
CA ARG B 156 -9.47 3.90 8.44
C ARG B 156 -10.21 4.46 9.65
N ASN B 157 -11.36 3.87 9.93
CA ASN B 157 -12.27 4.35 10.95
C ASN B 157 -13.02 3.17 11.54
N PRO B 158 -13.21 3.17 12.87
CA PRO B 158 -13.76 2.01 13.57
C PRO B 158 -15.11 1.56 13.00
N THR B 159 -16.04 2.49 12.88
CA THR B 159 -17.38 2.18 12.39
C THR B 159 -18.09 3.46 12.00
N VAL B 160 -19.16 3.34 11.21
CA VAL B 160 -19.96 4.51 10.86
C VAL B 160 -21.44 4.31 11.17
N GLY B 161 -22.24 5.35 10.95
CA GLY B 161 -23.66 5.28 11.18
C GLY B 161 -24.43 4.88 9.93
N ASP B 162 -25.75 4.74 10.07
CA ASP B 162 -26.62 4.39 8.97
C ASP B 162 -26.59 5.44 7.87
N ASN B 163 -26.21 6.66 8.25
CA ASN B 163 -26.18 7.80 7.33
C ASN B 163 -24.99 7.81 6.37
N TYR B 164 -23.93 7.08 6.72
CA TYR B 164 -22.71 7.11 5.92
C TYR B 164 -22.91 6.35 4.61
N THR B 165 -22.73 7.05 3.48
CA THR B 165 -23.01 6.48 2.17
C THR B 165 -21.75 6.33 1.34
N THR B 166 -21.81 5.48 0.32
CA THR B 166 -20.63 5.15 -0.48
C THR B 166 -19.82 6.37 -0.93
N ASP B 167 -20.50 7.40 -1.43
CA ASP B 167 -19.80 8.57 -1.94
C ASP B 167 -19.20 9.43 -0.83
N MET B 168 -19.78 9.35 0.37
CA MET B 168 -19.27 10.07 1.52
C MET B 168 -17.84 9.64 1.84
N ALA B 169 -17.44 8.49 1.29
CA ALA B 169 -16.10 7.95 1.48
C ALA B 169 -15.06 8.78 0.73
N VAL B 170 -15.46 9.38 -0.39
CA VAL B 170 -14.57 10.24 -1.15
C VAL B 170 -14.90 11.72 -0.94
N VAL B 171 -16.13 11.99 -0.52
CA VAL B 171 -16.57 13.37 -0.31
C VAL B 171 -16.17 13.87 1.07
N ASP B 172 -16.49 13.10 2.11
CA ASP B 172 -16.24 13.51 3.48
C ASP B 172 -14.94 12.95 4.05
N THR B 173 -14.50 11.81 3.55
CA THR B 173 -13.37 11.10 4.14
C THR B 173 -12.06 11.28 3.38
N LEU B 174 -12.02 10.78 2.15
CA LEU B 174 -10.80 10.85 1.35
C LEU B 174 -10.41 12.28 0.98
N VAL B 175 -11.33 13.21 1.24
CA VAL B 175 -11.14 14.61 0.86
C VAL B 175 -9.86 15.20 1.45
N HIS B 176 -9.59 14.87 2.72
CA HIS B 176 -8.37 15.36 3.38
C HIS B 176 -7.11 14.85 2.68
N GLU B 177 -7.10 13.57 2.33
CA GLU B 177 -5.97 13.00 1.60
C GLU B 177 -5.76 13.73 0.28
N ILE B 178 -6.85 13.96 -0.46
CA ILE B 178 -6.77 14.62 -1.76
C ILE B 178 -6.13 15.99 -1.66
N ASP B 179 -6.49 16.74 -0.62
CA ASP B 179 -5.87 18.05 -0.41
C ASP B 179 -4.38 17.94 -0.08
N VAL B 180 -4.07 17.29 1.04
CA VAL B 180 -2.70 17.28 1.56
C VAL B 180 -1.68 16.68 0.59
N LEU B 181 -2.09 15.66 -0.17
CA LEU B 181 -1.14 15.00 -1.07
C LEU B 181 -0.59 15.92 -2.16
N HIS B 182 -1.48 16.64 -2.85
CA HIS B 182 -1.01 17.52 -3.93
C HIS B 182 -0.18 18.68 -3.37
N TRP B 183 -0.56 19.15 -2.19
CA TRP B 183 0.26 20.13 -1.47
C TRP B 183 1.67 19.57 -1.26
N LEU B 184 1.74 18.35 -0.76
CA LEU B 184 3.02 17.71 -0.44
C LEU B 184 3.93 17.54 -1.65
N VAL B 185 3.41 16.96 -2.73
CA VAL B 185 4.23 16.62 -3.88
C VAL B 185 4.24 17.69 -4.96
N ASN B 186 3.46 18.75 -4.76
CA ASN B 186 3.44 19.87 -5.69
C ASN B 186 3.14 19.39 -7.11
N ASP B 187 2.00 18.71 -7.25
CA ASP B 187 1.61 18.14 -8.54
C ASP B 187 0.09 18.14 -8.67
N ASP B 188 -0.40 18.22 -9.90
CA ASP B 188 -1.83 18.19 -10.15
C ASP B 188 -2.28 16.78 -10.51
N TYR B 189 -3.47 16.40 -10.05
CA TYR B 189 -4.00 15.09 -10.37
C TYR B 189 -4.35 14.99 -11.86
N GLU B 190 -4.93 13.86 -12.27
CA GLU B 190 -5.22 13.65 -13.69
C GLU B 190 -6.26 12.57 -13.92
N SER B 191 -6.14 11.45 -13.21
CA SER B 191 -7.10 10.37 -13.32
C SER B 191 -7.34 9.68 -11.98
N VAL B 192 -8.57 9.19 -11.80
CA VAL B 192 -8.91 8.43 -10.61
C VAL B 192 -9.65 7.15 -10.98
N GLN B 193 -9.18 6.02 -10.47
CA GLN B 193 -9.86 4.75 -10.65
C GLN B 193 -10.31 4.25 -9.28
N VAL B 194 -11.50 3.67 -9.21
CA VAL B 194 -12.00 3.11 -7.96
C VAL B 194 -12.15 1.60 -8.07
N ILE B 195 -11.60 0.88 -7.09
CA ILE B 195 -11.64 -0.58 -7.07
C ILE B 195 -12.27 -1.08 -5.77
N TYR B 196 -13.35 -1.84 -5.87
CA TYR B 196 -14.08 -2.30 -4.69
C TYR B 196 -13.67 -3.72 -4.28
N PRO B 197 -12.93 -3.84 -3.18
CA PRO B 197 -12.57 -5.18 -2.68
C PRO B 197 -13.80 -5.87 -2.12
N LYS B 198 -13.67 -7.16 -1.82
CA LYS B 198 -14.66 -7.91 -1.07
C LYS B 198 -15.25 -7.05 0.06
N LYS B 199 -16.57 -6.93 0.09
CA LYS B 199 -17.24 -6.09 1.08
C LYS B 199 -17.12 -6.67 2.50
N SER B 200 -16.82 -5.78 3.45
CA SER B 200 -16.61 -6.18 4.84
C SER B 200 -17.90 -6.54 5.57
N LYS B 201 -17.82 -7.49 6.48
CA LYS B 201 -18.98 -7.90 7.28
C LYS B 201 -19.44 -6.80 8.24
N ASN B 202 -18.58 -5.81 8.48
CA ASN B 202 -18.87 -4.74 9.42
C ASN B 202 -19.62 -3.58 8.77
N ALA B 203 -19.69 -3.61 7.44
CA ALA B 203 -20.40 -2.59 6.69
C ALA B 203 -21.89 -2.93 6.55
N LEU B 204 -22.72 -1.90 6.50
CA LEU B 204 -24.16 -2.09 6.28
C LEU B 204 -24.42 -2.35 4.81
N PRO B 205 -25.51 -3.09 4.52
CA PRO B 205 -25.84 -3.56 3.16
C PRO B 205 -25.76 -2.46 2.10
N HIS B 206 -26.11 -1.23 2.46
CA HIS B 206 -26.18 -0.16 1.47
C HIS B 206 -24.83 0.50 1.19
N LEU B 207 -23.79 0.10 1.91
CA LEU B 207 -22.48 0.75 1.79
C LEU B 207 -21.43 -0.11 1.11
N LYS B 208 -20.66 0.51 0.21
CA LYS B 208 -19.49 -0.13 -0.37
C LYS B 208 -18.24 0.19 0.47
N ASP B 209 -17.82 -0.79 1.26
CA ASP B 209 -16.69 -0.62 2.18
C ASP B 209 -15.99 -1.96 2.35
N PRO B 210 -14.67 -2.01 2.08
CA PRO B 210 -13.74 -0.92 1.77
C PRO B 210 -13.72 -0.51 0.31
N GLN B 211 -12.93 0.51 0.00
CA GLN B 211 -12.69 0.93 -1.38
C GLN B 211 -11.22 1.30 -1.52
N ILE B 212 -10.69 1.09 -2.72
CA ILE B 212 -9.35 1.54 -3.07
C ILE B 212 -9.44 2.58 -4.18
N VAL B 213 -8.69 3.66 -4.02
CA VAL B 213 -8.70 4.73 -5.02
C VAL B 213 -7.30 4.96 -5.56
N VAL B 214 -7.09 4.58 -6.81
CA VAL B 214 -5.82 4.86 -7.48
C VAL B 214 -5.90 6.23 -8.13
N ILE B 215 -4.83 7.00 -8.05
CA ILE B 215 -4.82 8.36 -8.57
C ILE B 215 -3.48 8.68 -9.21
N GLU B 216 -3.50 9.09 -10.47
CA GLU B 216 -2.26 9.48 -11.14
C GLU B 216 -2.19 10.99 -11.27
N THR B 217 -1.03 11.56 -10.94
CA THR B 217 -0.78 12.97 -11.18
C THR B 217 -0.20 13.13 -12.58
N LYS B 218 -0.15 14.37 -13.08
CA LYS B 218 0.35 14.60 -14.42
C LYS B 218 1.88 14.44 -14.51
N GLY B 219 2.53 14.32 -13.35
CA GLY B 219 3.96 14.11 -13.31
C GLY B 219 4.34 12.65 -13.37
N GLY B 220 3.38 11.78 -13.05
CA GLY B 220 3.62 10.35 -13.10
C GLY B 220 3.60 9.68 -11.74
N ILE B 221 3.25 10.43 -10.70
CA ILE B 221 3.12 9.84 -9.37
C ILE B 221 1.85 9.00 -9.28
N VAL B 222 1.98 7.77 -8.81
CA VAL B 222 0.82 6.92 -8.60
C VAL B 222 0.47 6.84 -7.12
N ILE B 223 -0.80 7.04 -6.82
CA ILE B 223 -1.27 7.09 -5.45
C ILE B 223 -2.39 6.07 -5.27
N ASN B 224 -2.19 5.11 -4.37
CA ASN B 224 -3.30 4.24 -4.00
C ASN B 224 -3.72 4.43 -2.56
N ALA B 225 -4.99 4.81 -2.38
CA ALA B 225 -5.54 5.14 -1.09
C ALA B 225 -6.60 4.14 -0.66
N GLU B 226 -6.41 3.52 0.49
CA GLU B 226 -7.39 2.61 1.02
C GLU B 226 -8.32 3.37 1.97
N ILE B 227 -9.62 3.23 1.76
CA ILE B 227 -10.61 3.77 2.67
C ILE B 227 -11.43 2.63 3.28
N TYR B 228 -11.40 2.52 4.59
CA TYR B 228 -12.12 1.46 5.28
C TYR B 228 -12.68 2.02 6.59
N VAL B 229 -13.97 2.33 6.56
CA VAL B 229 -14.62 3.06 7.66
C VAL B 229 -15.31 2.13 8.65
N ASN B 230 -15.22 0.82 8.41
CA ASN B 230 -15.68 -0.17 9.38
C ASN B 230 -14.59 -1.18 9.73
N CYS B 231 -13.38 -0.68 9.98
CA CYS B 231 -12.23 -1.55 10.22
C CYS B 231 -12.21 -2.14 11.64
N LYS B 232 -13.04 -1.58 12.52
CA LYS B 232 -13.26 -2.11 13.87
C LYS B 232 -12.12 -1.90 14.87
N TYR B 233 -10.87 -2.03 14.44
CA TYR B 233 -9.75 -1.95 15.38
C TYR B 233 -9.49 -0.55 15.92
N GLY B 234 -9.69 0.46 15.08
CA GLY B 234 -9.51 1.84 15.52
C GLY B 234 -9.54 2.87 14.41
N TYR B 235 -9.24 4.12 14.77
CA TYR B 235 -9.13 5.21 13.80
C TYR B 235 -7.66 5.42 13.49
N ASP B 236 -7.32 5.34 12.21
CA ASP B 236 -5.92 5.20 11.82
C ASP B 236 -5.65 5.84 10.46
N ILE B 237 -4.57 6.62 10.39
CA ILE B 237 -4.18 7.33 9.19
C ILE B 237 -2.73 6.98 8.87
N GLN B 238 -2.50 6.40 7.70
CA GLN B 238 -1.15 6.03 7.29
C GLN B 238 -0.78 6.72 5.99
N CYS B 239 0.48 7.10 5.85
CA CYS B 239 0.95 7.68 4.61
C CYS B 239 2.43 7.43 4.40
N GLU B 240 2.75 6.73 3.31
CA GLU B 240 4.11 6.39 2.96
C GLU B 240 4.42 6.94 1.57
N ILE B 241 5.58 7.57 1.42
CA ILE B 241 5.96 8.14 0.14
C ILE B 241 7.25 7.53 -0.36
N VAL B 242 7.17 6.83 -1.48
CA VAL B 242 8.33 6.18 -2.07
C VAL B 242 9.01 7.07 -3.09
N GLY B 243 10.24 7.47 -2.80
CA GLY B 243 11.00 8.32 -3.68
C GLY B 243 12.00 7.52 -4.48
N GLU B 244 12.84 8.21 -5.24
CA GLU B 244 13.83 7.53 -6.07
C GLU B 244 14.91 6.86 -5.23
N ASP B 245 15.27 7.49 -4.13
CA ASP B 245 16.43 7.08 -3.35
C ASP B 245 16.12 6.73 -1.89
N GLY B 246 14.85 6.80 -1.52
CA GLY B 246 14.45 6.54 -0.15
C GLY B 246 12.95 6.58 0.06
N ILE B 247 12.53 6.28 1.29
CA ILE B 247 11.12 6.26 1.64
C ILE B 247 10.88 6.99 2.96
N ILE B 248 9.83 7.83 3.00
CA ILE B 248 9.48 8.53 4.22
C ILE B 248 8.05 8.20 4.60
N LYS B 249 7.78 8.19 5.89
CA LYS B 249 6.49 7.70 6.36
C LYS B 249 5.96 8.48 7.56
N LEU B 250 4.66 8.66 7.60
CA LEU B 250 3.98 9.39 8.66
C LEU B 250 4.00 8.59 9.95
N PRO B 251 4.25 9.27 11.08
CA PRO B 251 4.35 8.59 12.37
C PRO B 251 2.98 8.15 12.90
N GLU B 252 2.98 7.20 13.82
CA GLU B 252 1.80 6.93 14.64
C GLU B 252 1.68 8.04 15.66
N PRO B 253 0.46 8.30 16.16
CA PRO B 253 0.33 9.25 17.26
C PRO B 253 1.08 8.76 18.51
N SER B 254 1.78 9.65 19.21
CA SER B 254 2.53 9.28 20.40
C SER B 254 1.71 8.45 21.38
N SER B 255 2.30 7.36 21.85
CA SER B 255 1.66 6.50 22.83
C SER B 255 2.73 5.83 23.69
N ILE B 256 2.41 5.55 24.95
CA ILE B 256 3.31 4.78 25.80
C ILE B 256 3.30 3.31 25.37
N SER B 257 4.44 2.64 25.46
CA SER B 257 4.47 1.21 25.16
C SER B 257 4.11 0.44 26.41
N LEU B 258 3.54 -0.73 26.22
CA LEU B 258 3.18 -1.63 27.31
C LEU B 258 3.58 -3.08 26.99
N ARG B 259 4.19 -3.75 27.96
CA ARG B 259 4.40 -5.19 27.87
C ARG B 259 3.51 -5.88 28.89
N LYS B 260 2.61 -6.73 28.42
CA LYS B 260 1.65 -7.38 29.31
C LYS B 260 0.98 -8.53 28.60
N GLU B 261 0.83 -9.65 29.29
CA GLU B 261 0.18 -10.84 28.74
C GLU B 261 0.64 -11.20 27.32
N GLY B 262 1.93 -11.47 27.18
CA GLY B 262 2.47 -11.97 25.92
C GLY B 262 2.46 -11.01 24.76
N ARG B 263 2.25 -9.72 25.04
CA ARG B 263 2.21 -8.73 23.96
C ARG B 263 2.93 -7.42 24.30
N PHE B 264 3.58 -6.85 23.29
CA PHE B 264 4.26 -5.56 23.37
C PHE B 264 3.49 -4.65 22.45
N SER B 265 2.90 -3.59 22.99
CA SER B 265 1.93 -2.82 22.23
C SER B 265 1.91 -1.32 22.48
N THR B 266 1.41 -0.59 21.49
CA THR B 266 1.07 0.82 21.64
C THR B 266 -0.43 0.98 21.46
N ASP B 267 -0.93 2.16 21.80
CA ASP B 267 -2.35 2.42 21.74
C ASP B 267 -2.76 2.96 20.36
N ILE B 268 -3.90 2.47 19.88
CA ILE B 268 -4.49 3.04 18.67
C ILE B 268 -5.73 3.85 19.04
N LEU B 269 -5.77 5.10 18.57
CA LEU B 269 -6.89 5.98 18.88
C LEU B 269 -8.21 5.39 18.41
N MET B 270 -9.29 5.66 19.15
CA MET B 270 -10.60 5.14 18.80
C MET B 270 -11.52 6.24 18.25
N ASP B 271 -11.10 7.50 18.37
CA ASP B 271 -11.96 8.62 17.99
C ASP B 271 -11.25 9.67 17.15
N TRP B 272 -11.76 9.87 15.93
CA TRP B 272 -11.18 10.81 14.97
C TRP B 272 -10.95 12.21 15.54
N GLN B 273 -11.72 12.57 16.57
CA GLN B 273 -11.58 13.89 17.17
C GLN B 273 -10.20 14.09 17.77
N ARG B 274 -9.69 13.07 18.44
CA ARG B 274 -8.39 13.14 19.12
C ARG B 274 -7.20 13.16 18.16
N ARG B 275 -7.41 12.75 16.91
CA ARG B 275 -6.28 12.57 16.00
C ARG B 275 -5.55 13.85 15.59
N PHE B 276 -6.30 14.93 15.38
CA PHE B 276 -5.70 16.14 14.83
C PHE B 276 -6.00 17.41 15.66
N VAL B 277 -6.34 17.21 16.93
CA VAL B 277 -6.68 18.33 17.81
C VAL B 277 -5.67 19.49 17.74
N ALA B 278 -4.38 19.17 17.65
CA ALA B 278 -3.35 20.19 17.61
C ALA B 278 -3.36 20.94 16.29
N ALA B 279 -3.72 20.22 15.22
CA ALA B 279 -3.77 20.80 13.88
C ALA B 279 -4.83 21.88 13.80
N TYR B 280 -5.93 21.69 14.53
CA TYR B 280 -7.00 22.68 14.57
C TYR B 280 -6.52 23.98 15.24
N ASP B 281 -5.88 23.83 16.39
CA ASP B 281 -5.40 24.98 17.14
C ASP B 281 -4.41 25.80 16.31
N VAL B 282 -3.48 25.11 15.65
CA VAL B 282 -2.49 25.78 14.84
C VAL B 282 -3.16 26.42 13.63
N GLU B 283 -4.22 25.77 13.16
CA GLU B 283 -4.96 26.22 11.99
C GLU B 283 -5.59 27.58 12.23
N ILE B 284 -6.42 27.66 13.27
CA ILE B 284 -7.12 28.88 13.60
C ILE B 284 -6.16 30.01 13.99
N GLN B 285 -5.13 29.67 14.76
CA GLN B 285 -4.14 30.65 15.18
C GLN B 285 -3.47 31.32 13.99
N ASP B 286 -3.20 30.53 12.95
CA ASP B 286 -2.59 31.07 11.74
C ASP B 286 -3.56 32.01 11.00
N PHE B 287 -4.85 31.68 11.05
CA PHE B 287 -5.88 32.53 10.47
C PHE B 287 -5.79 33.90 11.12
N ILE B 288 -5.88 33.89 12.45
CA ILE B 288 -5.78 35.10 13.25
C ILE B 288 -4.46 35.84 13.01
N ASP B 289 -3.35 35.17 13.27
CA ASP B 289 -2.04 35.81 13.14
C ASP B 289 -1.83 36.39 11.76
N SER B 290 -2.21 35.64 10.74
CA SER B 290 -1.97 36.05 9.37
C SER B 290 -2.69 37.35 9.07
N ILE B 291 -3.90 37.48 9.62
CA ILE B 291 -4.71 38.68 9.41
C ILE B 291 -4.12 39.88 10.15
N GLN B 292 -3.83 39.70 11.43
CA GLN B 292 -3.31 40.79 12.26
C GLN B 292 -1.94 41.29 11.78
N LYS B 293 -1.20 40.44 11.07
CA LYS B 293 0.16 40.81 10.67
C LYS B 293 0.26 41.22 9.20
N LYS B 294 -0.53 40.61 8.34
CA LYS B 294 -0.37 40.79 6.90
C LYS B 294 -1.62 41.35 6.22
N GLY B 295 -2.71 41.43 6.97
CA GLY B 295 -3.97 41.90 6.41
C GLY B 295 -4.58 40.93 5.41
N GLU B 296 -4.23 39.65 5.54
CA GLU B 296 -4.80 38.61 4.70
C GLU B 296 -4.62 37.22 5.30
N VAL B 297 -5.35 36.24 4.79
CA VAL B 297 -5.29 34.87 5.29
C VAL B 297 -4.16 34.12 4.60
N SER B 298 -3.81 32.94 5.13
CA SER B 298 -2.62 32.23 4.66
C SER B 298 -2.82 30.78 4.24
N GLY B 299 -3.67 30.04 4.95
CA GLY B 299 -3.75 28.60 4.77
C GLY B 299 -4.03 28.07 3.37
N PRO B 300 -4.75 26.95 3.29
CA PRO B 300 -5.22 26.43 2.00
C PRO B 300 -6.12 27.44 1.28
N THR B 301 -5.84 27.68 -0.01
CA THR B 301 -6.56 28.70 -0.77
C THR B 301 -7.93 28.26 -1.25
N ALA B 302 -8.68 29.21 -1.80
CA ALA B 302 -9.98 28.92 -2.39
C ALA B 302 -9.78 28.02 -3.59
N TRP B 303 -8.61 28.16 -4.24
CA TRP B 303 -8.26 27.36 -5.40
C TRP B 303 -8.09 25.90 -5.02
N ASP B 304 -7.46 25.66 -3.87
CA ASP B 304 -7.30 24.32 -3.34
C ASP B 304 -8.67 23.69 -3.05
N GLY B 305 -9.61 24.51 -2.62
CA GLY B 305 -10.97 24.04 -2.40
C GLY B 305 -11.57 23.57 -3.72
N TYR B 306 -11.27 24.30 -4.78
CA TYR B 306 -11.75 23.95 -6.12
C TYR B 306 -11.03 22.70 -6.64
N ILE B 307 -9.72 22.62 -6.40
CA ILE B 307 -8.96 21.43 -6.78
C ILE B 307 -9.57 20.21 -6.11
N ALA B 308 -9.95 20.38 -4.85
CA ALA B 308 -10.63 19.32 -4.12
C ALA B 308 -11.95 18.98 -4.82
N ALA B 309 -12.79 19.99 -4.99
CA ALA B 309 -14.12 19.82 -5.57
C ALA B 309 -14.10 19.00 -6.86
N VAL B 310 -13.17 19.34 -7.74
CA VAL B 310 -13.03 18.65 -9.03
C VAL B 310 -12.60 17.19 -8.83
N THR B 311 -11.48 16.99 -8.15
CA THR B 311 -10.95 15.65 -7.92
C THR B 311 -11.99 14.74 -7.26
N THR B 312 -12.61 15.23 -6.19
CA THR B 312 -13.62 14.44 -5.50
C THR B 312 -14.84 14.18 -6.39
N ASP B 313 -14.98 15.00 -7.43
CA ASP B 313 -16.04 14.79 -8.43
C ASP B 313 -15.73 13.58 -9.30
N ALA B 314 -14.50 13.51 -9.80
CA ALA B 314 -14.07 12.39 -10.63
C ALA B 314 -14.13 11.08 -9.85
N CYS B 315 -13.92 11.16 -8.54
CA CYS B 315 -13.92 9.96 -7.70
C CYS B 315 -15.34 9.41 -7.53
N VAL B 316 -16.29 10.30 -7.28
CA VAL B 316 -17.69 9.91 -7.17
C VAL B 316 -18.17 9.33 -8.51
N LYS B 317 -17.54 9.78 -9.60
CA LYS B 317 -17.88 9.28 -10.92
C LYS B 317 -17.32 7.88 -11.14
N ALA B 318 -16.09 7.67 -10.71
CA ALA B 318 -15.43 6.37 -10.85
C ALA B 318 -16.07 5.34 -9.94
N GLN B 319 -16.74 5.81 -8.90
CA GLN B 319 -17.44 4.93 -7.97
C GLN B 319 -18.54 4.15 -8.68
N GLU B 320 -19.31 4.85 -9.51
CA GLU B 320 -20.40 4.22 -10.26
C GLU B 320 -19.88 3.61 -11.55
N SER B 321 -19.00 4.35 -12.24
CA SER B 321 -18.43 3.94 -13.51
C SER B 321 -17.74 2.58 -13.43
N GLY B 322 -16.59 2.55 -12.77
CA GLY B 322 -15.76 1.37 -12.75
C GLY B 322 -14.59 1.56 -13.71
N GLN B 323 -14.54 2.74 -14.32
CA GLN B 323 -13.52 3.04 -15.32
C GLN B 323 -12.55 4.12 -14.82
N LYS B 324 -11.53 4.39 -15.64
CA LYS B 324 -10.54 5.41 -15.33
C LYS B 324 -11.06 6.81 -15.69
N GLU B 325 -11.84 7.40 -14.79
CA GLU B 325 -12.38 8.74 -15.01
C GLU B 325 -11.28 9.78 -15.11
N LYS B 326 -11.64 10.96 -15.62
CA LYS B 326 -10.65 11.99 -15.92
C LYS B 326 -10.78 13.18 -14.98
N VAL B 327 -9.66 13.86 -14.75
CA VAL B 327 -9.66 15.06 -13.92
C VAL B 327 -9.12 16.23 -14.73
N GLU B 328 -10.04 16.98 -15.33
CA GLU B 328 -9.67 18.19 -16.06
C GLU B 328 -9.76 19.39 -15.14
N LEU B 329 -8.69 20.17 -15.08
CA LEU B 329 -8.66 21.35 -14.23
C LEU B 329 -8.39 22.60 -15.04
N LYS B 330 -9.13 23.67 -14.72
CA LYS B 330 -8.84 24.96 -15.31
C LYS B 330 -7.43 25.36 -14.92
N GLU B 331 -6.76 26.13 -15.77
CA GLU B 331 -5.43 26.59 -15.47
C GLU B 331 -5.43 27.41 -14.18
N LYS B 332 -4.35 27.31 -13.42
CA LYS B 332 -4.24 28.04 -12.16
C LYS B 332 -4.09 29.53 -12.43
N PRO B 333 -5.00 30.34 -11.88
CA PRO B 333 -5.00 31.79 -12.08
C PRO B 333 -3.74 32.46 -11.53
N GLU B 334 -3.33 33.56 -12.15
CA GLU B 334 -2.18 34.34 -11.69
C GLU B 334 -2.26 34.65 -10.20
N PHE B 335 -3.46 34.93 -9.74
CA PHE B 335 -3.70 35.36 -8.36
C PHE B 335 -3.05 34.44 -7.33
N TYR B 336 -3.04 33.14 -7.60
CA TYR B 336 -2.58 32.17 -6.61
C TYR B 336 -1.12 31.73 -6.78
N GLN B 337 -0.50 32.14 -7.90
CA GLN B 337 0.93 31.96 -8.12
C GLN B 337 1.30 32.26 -9.57
PA NAD C . 23.42 -20.18 -13.01
O1A NAD C . 24.27 -19.54 -12.00
O2A NAD C . 23.53 -19.53 -14.33
O5B NAD C . 23.84 -21.73 -13.12
C5B NAD C . 23.10 -22.64 -13.91
C4B NAD C . 23.96 -23.89 -14.12
O4B NAD C . 23.19 -24.91 -14.76
C3B NAD C . 25.15 -23.60 -15.01
O3B NAD C . 26.30 -24.17 -14.44
C2B NAD C . 24.81 -24.26 -16.33
O2B NAD C . 25.97 -24.76 -16.98
C1B NAD C . 23.87 -25.38 -15.90
N9A NAD C . 22.91 -25.79 -16.95
C8A NAD C . 22.30 -24.98 -17.87
N7A NAD C . 21.46 -25.74 -18.62
C5A NAD C . 21.52 -27.02 -18.18
C6A NAD C . 20.88 -28.19 -18.58
N6A NAD C . 20.02 -28.18 -19.60
N1A NAD C . 21.15 -29.38 -17.93
C2A NAD C . 22.06 -29.41 -16.88
N3A NAD C . 22.69 -28.25 -16.49
C4A NAD C . 22.43 -27.07 -17.12
O3 NAD C . 21.86 -20.22 -12.55
PN NAD C . 21.42 -20.10 -10.99
O1N NAD C . 22.18 -21.11 -10.22
O2N NAD C . 21.52 -18.68 -10.59
O5D NAD C . 19.85 -20.47 -11.01
C5D NAD C . 19.34 -21.75 -11.32
C4D NAD C . 17.81 -21.73 -11.30
O4D NAD C . 17.32 -21.49 -10.00
C3D NAD C . 17.22 -20.67 -12.22
O3D NAD C . 16.12 -21.22 -12.92
C2D NAD C . 16.74 -19.58 -11.27
O2D NAD C . 15.58 -18.93 -11.73
C1D NAD C . 16.50 -20.32 -9.97
N1N NAD C . 16.80 -19.49 -8.81
C2N NAD C . 15.90 -19.44 -7.78
C3N NAD C . 16.16 -18.65 -6.65
C7N NAD C . 15.17 -18.58 -5.52
O7N NAD C . 14.96 -17.34 -4.90
N7N NAD C . 14.51 -19.68 -5.15
C4N NAD C . 17.34 -17.91 -6.59
C5N NAD C . 18.25 -17.96 -7.64
C6N NAD C . 17.97 -18.76 -8.74
PA NAI D . -23.43 19.92 12.16
O1A NAI D . -24.65 19.41 11.42
O2A NAI D . -23.54 19.62 13.63
O5B NAI D . -23.42 21.41 11.94
C5B NAI D . -24.53 22.02 11.28
C4B NAI D . -25.11 23.05 12.24
O4B NAI D . -25.16 24.34 11.64
C3B NAI D . -26.55 22.73 12.61
O3B NAI D . -26.77 22.94 14.00
C2B NAI D . -27.40 23.69 11.80
O2B NAI D . -28.49 24.11 12.59
C1B NAI D . -26.47 24.85 11.44
N9A NAI D . -26.66 25.33 10.05
C8A NAI D . -26.76 24.57 8.94
N7A NAI D . -26.87 25.35 7.84
C5A NAI D . -26.83 26.62 8.25
C6A NAI D . -26.89 27.96 7.60
N6A NAI D . -27.03 28.03 6.22
N1A NAI D . -26.81 29.06 8.38
C2A NAI D . -26.68 28.96 9.72
N3A NAI D . -26.61 27.79 10.37
C4A NAI D . -26.68 26.62 9.71
O3 NAI D . -22.22 19.30 11.48
PN NAI D . -20.77 19.38 11.89
O1N NAI D . -20.22 18.00 12.06
O2N NAI D . -20.69 20.19 13.17
O5D NAI D . -19.96 20.06 10.79
C5D NAI D . -20.55 20.62 9.63
C4D NAI D . -19.49 21.02 8.60
O4D NAI D . -18.18 20.88 9.12
C3D NAI D . -19.50 20.15 7.35
O3D NAI D . -19.20 20.95 6.21
C2D NAI D . -18.41 19.12 7.60
O2D NAI D . -17.90 18.66 6.36
C1D NAI D . -17.40 19.90 8.45
N1N NAI D . -16.62 19.09 9.41
C2N NAI D . -15.28 19.19 9.48
C3N NAI D . -14.53 18.22 10.16
C7N NAI D . -13.05 17.97 9.92
O7N NAI D . -12.54 16.97 10.39
N7N NAI D . -12.30 18.81 9.19
C4N NAI D . -15.21 17.36 11.03
C5N NAI D . -16.60 17.40 11.09
C6N NAI D . -17.27 18.19 10.16
#